data_9V6N
#
_entry.id   9V6N
#
_cell.length_a   1.00
_cell.length_b   1.00
_cell.length_c   1.00
_cell.angle_alpha   90.00
_cell.angle_beta   90.00
_cell.angle_gamma   90.00
#
_symmetry.space_group_name_H-M   'P 1'
#
loop_
_entity.id
_entity.type
_entity.pdbx_description
1 polymer 'Envelopment polyprotein'
2 branched 2-acetamido-2-deoxy-beta-D-glucopyranose-(1-4)-2-acetamido-2-deoxy-beta-D-glucopyranose-(1-4)-2-acetamido-2-deoxy-beta-D-glucopyranose
3 non-polymer 2-acetamido-2-deoxy-beta-D-glucopyranose
#
_entity_poly.entity_id   1
_entity_poly.type   'polypeptide(L)'
_entity_poly.pdbx_seq_one_letter_code
;PHLRNRPGKGHNYIDGMTQEDATCKPVTYAGACSSFDVLLEKGKFPLFQSYAHHRTLLEAVHDTIIAKADPPSCDLQSAH
GNPCMKEKLVMKTHCPNDYQSAHYLNNDGKMASVKCPPKYELTEDCNFCRQMTGASLKKGSYPLQDLFCQSSEDDGSKLK
TKMKGVCEVGVQALKKCDGQLSTAHEVVPFAVFKNSKKVYLDKLDLKTEENLLPDSFVCFEHKGQYKGTMDSGQTKRELK
SFDISQCPKIGGHGSKKCTGDAAFCSAYECTAQYANAYCSHANGSGIVQIQVSGVWKKPLCVGYERVVVKRELSAKPIQR
VEPCTTCITKCEPHGLVVRSTGFKISSAVACASGVCVTGSQSPSTEITLKYPGISQSSGGDIGVHMAHDDQSVSSKIVAH
CPPQDPCLVHGCIVCAHGLINYQCHTALSAFVVVFVFSSIAIICLAVLYRVLKCLKIAPRKVLNPLMWITAFIRWIYKKM
VARVADNINQVNREIGWMEGGQLVLGNPAPIPRHAPIPRYSTYLMLLLIVSYASACSELIQASSRITTCSTEGVNTKCRL
SGTALIRAGSVGAEACLMLKGVKEDQTKFLKIKTVSSELSCREGQSYWTGSFSPKCLSSRRCHLVGECHVNRCLSWRDNE
TSAEFSFVGESTTMRENKCFEQCGGWGCGCFNVNPSCLFVHTYLQSVRKEALRVFNCIDWVHKLTLEITDFDGSVSTIDL
GASSSRFTNWGSVSLSLDAEGISGSNSFSFIESPGKGYAIVDEPFSEIPRQGFLGEIRCNSESSVLSAHESCLRAPNLIS
YKPMIDQLECTTNLIDPFVVFERGSLPQTRNDKTFAASKGNRGVQAFSKGSVQADLTLMFDNFEVDFVGAAVSCDAAFLN
LTGCYSCNAGARVCLSITSTGTGSLSAHNKDGSLHIVLPSENGTKDQCQILHFTVPEVEEEFMYSCDGDERPLLVKGTLI
AIDPFDDRREAGGESTVVNPKSGSWNFFDWFSGLMSWFGGPLKTILLICLYVALSIGLFFLLIYLGRTGLSKMWLAATKK
ASDYKDHDGDYKDHDIDYKDDDDK
;
_entity_poly.pdbx_strand_id   A,B
#
# COMPACT_ATOMS: atom_id res chain seq x y z
N PRO A 1 46.65 5.13 19.80
CA PRO A 1 46.59 6.17 18.77
C PRO A 1 47.32 5.77 17.49
N HIS A 2 47.17 4.50 17.09
CA HIS A 2 47.83 4.03 15.86
C HIS A 2 47.22 4.66 14.61
N LEU A 3 46.01 5.21 14.71
CA LEU A 3 45.37 5.82 13.55
C LEU A 3 46.06 7.09 13.10
N ARG A 4 46.92 7.66 13.92
CA ARG A 4 47.65 8.88 13.59
C ARG A 4 48.94 8.60 12.84
N ASN A 5 49.15 7.36 12.38
CA ASN A 5 50.24 7.02 11.48
C ASN A 5 49.66 7.02 10.07
N ARG A 6 49.63 8.20 9.46
CA ARG A 6 48.89 8.37 8.23
C ARG A 6 49.61 7.74 7.05
N PRO A 7 48.86 7.19 6.08
CA PRO A 7 49.49 6.72 4.85
C PRO A 7 49.97 7.87 4.00
N GLY A 8 50.99 7.61 3.20
CA GLY A 8 51.54 8.64 2.34
C GLY A 8 52.20 9.74 3.15
N LYS A 9 52.08 10.98 2.67
CA LYS A 9 52.67 12.11 3.36
C LYS A 9 51.92 12.43 4.66
N GLY A 10 50.61 12.22 4.69
CA GLY A 10 49.81 12.59 5.84
C GLY A 10 49.70 14.09 6.05
N HIS A 11 49.52 14.85 4.97
CA HIS A 11 49.40 16.31 5.05
C HIS A 11 47.93 16.66 5.16
N ASN A 12 47.46 16.86 6.39
CA ASN A 12 46.06 17.19 6.65
C ASN A 12 45.88 18.70 6.82
N TYR A 13 46.25 19.45 5.78
CA TYR A 13 46.08 20.89 5.81
C TYR A 13 45.62 21.38 4.45
N ILE A 14 45.08 22.59 4.42
CA ILE A 14 44.51 23.18 3.22
C ILE A 14 45.27 24.47 2.92
N ASP A 15 45.34 24.82 1.64
CA ASP A 15 46.07 26.01 1.24
C ASP A 15 45.43 27.26 1.83
N GLY A 16 46.27 28.18 2.28
CA GLY A 16 45.82 29.40 2.94
C GLY A 16 45.77 29.26 4.45
N MET A 17 45.29 28.13 4.95
CA MET A 17 45.23 27.87 6.39
C MET A 17 46.46 27.08 6.84
N THR A 18 47.61 27.75 6.72
CA THR A 18 48.91 27.13 7.03
C THR A 18 49.48 27.61 8.35
N GLN A 19 48.63 27.86 9.34
CA GLN A 19 49.08 28.27 10.66
C GLN A 19 49.18 27.10 11.64
N GLU A 20 48.96 25.88 11.18
CA GLU A 20 49.00 24.69 12.02
C GLU A 20 49.97 23.67 11.46
N ASP A 21 50.98 24.11 10.72
CA ASP A 21 51.93 23.22 10.08
C ASP A 21 52.77 22.42 11.08
N ALA A 22 52.79 22.83 12.35
CA ALA A 22 53.55 22.07 13.35
C ALA A 22 52.95 20.68 13.54
N THR A 23 51.63 20.58 13.57
CA THR A 23 50.95 19.32 13.84
C THR A 23 50.06 18.82 12.71
N CYS A 24 49.88 19.59 11.64
CA CYS A 24 49.07 19.15 10.52
C CYS A 24 49.90 18.73 9.32
N LYS A 25 51.07 19.35 9.11
CA LYS A 25 52.12 18.68 8.36
C LYS A 25 52.48 17.42 9.13
N PRO A 26 53.14 16.44 8.49
CA PRO A 26 52.71 15.04 8.63
C PRO A 26 52.15 14.69 10.00
N VAL A 27 50.89 14.25 10.00
CA VAL A 27 50.16 13.98 11.23
C VAL A 27 50.82 12.80 11.94
N THR A 28 51.20 13.02 13.20
CA THR A 28 51.94 12.05 13.98
C THR A 28 51.20 11.85 15.30
N TYR A 29 51.68 10.91 16.12
CA TYR A 29 51.03 10.60 17.39
C TYR A 29 51.07 11.79 18.36
N ALA A 30 51.92 12.78 18.11
CA ALA A 30 52.22 13.77 19.13
C ALA A 30 51.16 14.87 19.21
N GLY A 31 51.00 15.64 18.14
CA GLY A 31 50.26 16.90 18.19
C GLY A 31 48.76 16.73 18.12
N ALA A 32 48.10 17.78 17.64
CA ALA A 32 46.64 17.79 17.50
C ALA A 32 46.29 18.69 16.33
N CYS A 33 45.69 18.10 15.29
CA CYS A 33 45.30 18.83 14.09
C CYS A 33 43.78 19.00 14.08
N SER A 34 43.33 20.23 13.86
CA SER A 34 41.89 20.51 13.89
C SER A 34 41.16 19.87 12.72
N SER A 35 41.81 19.78 11.56
CA SER A 35 41.17 19.23 10.37
C SER A 35 41.25 17.71 10.32
N PHE A 36 41.79 17.06 11.34
CA PHE A 36 41.86 15.61 11.40
C PHE A 36 41.23 15.03 12.65
N ASP A 37 41.37 15.69 13.80
CA ASP A 37 40.88 15.13 15.06
C ASP A 37 39.36 15.01 15.08
N VAL A 38 38.64 15.82 14.29
CA VAL A 38 37.19 15.71 14.25
C VAL A 38 36.76 14.37 13.66
N LEU A 39 37.58 13.80 12.79
CA LEU A 39 37.24 12.52 12.17
C LEU A 39 37.24 11.37 13.16
N LEU A 40 37.97 11.49 14.26
CA LEU A 40 38.13 10.40 15.22
C LEU A 40 37.20 10.52 16.42
N GLU A 41 36.26 11.46 16.41
CA GLU A 41 35.30 11.54 17.49
C GLU A 41 34.30 10.41 17.39
N LYS A 42 33.90 9.88 18.54
CA LYS A 42 32.99 8.74 18.57
C LYS A 42 31.62 9.14 18.07
N GLY A 43 31.06 8.34 17.15
CA GLY A 43 29.75 8.57 16.62
C GLY A 43 29.70 9.45 15.38
N LYS A 44 30.78 10.14 15.05
CA LYS A 44 30.85 10.99 13.87
C LYS A 44 31.82 10.40 12.87
N PHE A 45 31.49 10.55 11.58
CA PHE A 45 32.25 9.98 10.48
C PHE A 45 32.48 8.49 10.70
N PRO A 46 31.43 7.66 10.67
CA PRO A 46 31.62 6.23 10.92
C PRO A 46 32.21 5.49 9.73
N LEU A 47 31.88 5.95 8.52
CA LEU A 47 32.42 5.29 7.33
C LEU A 47 33.94 5.41 7.25
N PHE A 48 34.46 6.61 7.52
CA PHE A 48 35.91 6.76 7.57
C PHE A 48 36.51 6.04 8.76
N GLN A 49 35.82 6.08 9.91
CA GLN A 49 36.35 5.39 11.08
C GLN A 49 36.48 3.89 10.84
N SER A 50 35.59 3.31 10.04
CA SER A 50 35.77 1.92 9.64
C SER A 50 37.00 1.75 8.76
N TYR A 51 37.13 2.61 7.75
CA TYR A 51 38.29 2.58 6.85
C TYR A 51 39.32 3.61 7.27
N ALA A 52 39.77 3.49 8.53
CA ALA A 52 40.54 4.54 9.17
C ALA A 52 41.95 4.66 8.61
N HIS A 53 42.47 3.64 7.93
CA HIS A 53 43.83 3.65 7.42
C HIS A 53 43.89 3.98 5.94
N HIS A 54 42.84 4.57 5.40
CA HIS A 54 42.83 5.11 4.05
C HIS A 54 42.92 6.63 4.11
N ARG A 55 43.32 7.22 2.99
CA ARG A 55 43.55 8.66 2.96
C ARG A 55 42.25 9.43 3.14
N THR A 56 42.39 10.66 3.65
CA THR A 56 41.27 11.57 3.75
C THR A 56 41.18 12.37 2.45
N LEU A 57 40.29 13.37 2.41
CA LEU A 57 40.20 14.21 1.22
C LEU A 57 41.43 15.09 1.08
N LEU A 58 41.86 15.72 2.17
CA LEU A 58 43.04 16.57 2.12
C LEU A 58 44.30 15.78 1.80
N GLU A 59 44.44 14.59 2.40
CA GLU A 59 45.58 13.73 2.11
C GLU A 59 45.60 13.34 0.64
N ALA A 60 44.44 12.96 0.09
CA ALA A 60 44.39 12.60 -1.32
C ALA A 60 44.71 13.79 -2.21
N VAL A 61 44.30 15.00 -1.80
CA VAL A 61 44.61 16.19 -2.57
C VAL A 61 46.12 16.43 -2.58
N HIS A 62 46.77 16.26 -1.43
CA HIS A 62 48.21 16.52 -1.36
C HIS A 62 49.05 15.42 -1.99
N ASP A 63 48.48 14.25 -2.26
CA ASP A 63 49.16 13.20 -3.00
C ASP A 63 48.82 13.23 -4.49
N THR A 64 48.17 14.30 -4.95
CA THR A 64 47.75 14.48 -6.34
C THR A 64 46.78 13.40 -6.81
N ILE A 65 46.19 12.65 -5.88
CA ILE A 65 45.14 11.70 -6.25
C ILE A 65 43.89 12.45 -6.71
N ILE A 66 43.47 13.45 -5.93
CA ILE A 66 42.29 14.23 -6.22
C ILE A 66 42.72 15.66 -6.54
N ALA A 67 42.21 16.20 -7.64
CA ALA A 67 42.60 17.54 -8.06
C ALA A 67 41.88 18.59 -7.22
N LYS A 68 42.25 19.85 -7.45
CA LYS A 68 41.64 20.98 -6.78
C LYS A 68 40.77 21.74 -7.77
N ALA A 69 39.60 22.16 -7.34
CA ALA A 69 38.67 22.81 -8.26
C ALA A 69 39.22 24.09 -8.87
N ASP A 70 38.49 24.64 -9.84
CA ASP A 70 38.95 25.84 -10.52
C ASP A 70 38.99 27.05 -9.60
N PRO A 71 37.84 27.44 -9.06
CA PRO A 71 37.90 28.52 -8.10
C PRO A 71 38.12 27.88 -6.75
N PRO A 72 39.37 27.59 -6.43
CA PRO A 72 39.68 26.52 -5.49
C PRO A 72 38.86 26.65 -4.23
N SER A 73 38.56 27.87 -3.83
CA SER A 73 37.77 28.11 -2.64
C SER A 73 37.51 29.57 -2.60
N CYS A 74 36.54 30.02 -3.39
CA CYS A 74 36.25 31.44 -3.52
C CYS A 74 35.93 31.98 -2.13
N ASP A 75 36.80 32.85 -1.63
CA ASP A 75 36.61 33.44 -0.31
C ASP A 75 35.33 34.26 -0.29
N LEU A 76 34.53 34.07 0.76
CA LEU A 76 33.31 34.86 0.89
C LEU A 76 33.60 36.34 1.15
N GLN A 77 34.84 36.67 1.52
CA GLN A 77 35.21 38.07 1.69
C GLN A 77 35.37 38.77 0.35
N SER A 78 35.69 38.03 -0.70
CA SER A 78 35.97 38.62 -2.01
C SER A 78 35.08 38.09 -3.13
N ALA A 79 34.34 37.01 -2.90
CA ALA A 79 33.51 36.42 -3.94
C ALA A 79 32.15 36.00 -3.38
N HIS A 80 31.55 36.85 -2.55
CA HIS A 80 30.21 36.56 -2.05
C HIS A 80 29.12 36.93 -3.04
N GLY A 81 29.47 37.62 -4.13
CA GLY A 81 28.53 37.97 -5.17
C GLY A 81 28.64 37.12 -6.42
N ASN A 82 29.34 35.99 -6.37
CA ASN A 82 29.53 35.10 -7.49
C ASN A 82 28.75 33.80 -7.28
N PRO A 83 28.32 33.13 -8.35
CA PRO A 83 27.58 31.88 -8.18
C PRO A 83 28.45 30.74 -7.67
N CYS A 84 28.99 30.90 -6.46
CA CYS A 84 29.86 29.88 -5.89
C CYS A 84 29.07 28.83 -5.12
N MET A 85 28.33 29.26 -4.09
CA MET A 85 27.71 28.34 -3.14
C MET A 85 26.45 27.72 -3.75
N LYS A 86 26.65 26.99 -4.85
CA LYS A 86 25.58 26.27 -5.51
C LYS A 86 25.53 24.81 -5.10
N GLU A 87 26.68 24.12 -5.12
CA GLU A 87 26.72 22.74 -4.67
C GLU A 87 26.65 22.64 -3.15
N LYS A 88 27.11 23.66 -2.44
CA LYS A 88 27.07 23.62 -0.97
C LYS A 88 25.64 23.77 -0.46
N LEU A 89 24.83 24.60 -1.10
CA LEU A 89 23.50 24.89 -0.61
C LEU A 89 22.51 23.75 -0.86
N VAL A 90 22.87 22.77 -1.70
CA VAL A 90 22.01 21.60 -1.88
C VAL A 90 22.32 20.49 -0.91
N MET A 91 23.37 20.62 -0.11
CA MET A 91 23.73 19.64 0.90
C MET A 91 23.26 20.10 2.27
N LYS A 92 22.92 19.14 3.12
CA LYS A 92 22.53 19.39 4.50
C LYS A 92 23.66 18.90 5.40
N THR A 93 24.45 19.83 5.92
CA THR A 93 25.60 19.51 6.75
C THR A 93 25.38 20.06 8.15
N HIS A 94 26.40 19.88 9.01
CA HIS A 94 26.33 20.37 10.38
C HIS A 94 27.77 20.60 10.86
N CYS A 95 28.19 21.87 10.86
CA CYS A 95 29.54 22.18 11.35
C CYS A 95 29.51 22.50 12.83
N PRO A 96 30.57 22.18 13.55
CA PRO A 96 30.73 22.69 14.91
C PRO A 96 31.12 24.17 14.89
N ASN A 97 31.38 24.72 16.07
CA ASN A 97 31.67 26.13 16.19
C ASN A 97 33.16 26.41 16.02
N ASP A 98 33.48 27.69 15.85
CA ASP A 98 34.85 28.19 15.80
C ASP A 98 35.62 27.68 14.59
N TYR A 99 34.95 27.39 13.49
CA TYR A 99 35.59 26.92 12.27
C TYR A 99 35.44 27.98 11.18
N GLN A 100 36.55 28.40 10.61
CA GLN A 100 36.55 29.42 9.57
C GLN A 100 36.50 28.85 8.17
N SER A 101 36.61 27.53 8.01
CA SER A 101 36.66 26.93 6.69
C SER A 101 36.10 25.53 6.73
N ALA A 102 35.70 25.03 5.57
CA ALA A 102 35.17 23.69 5.43
C ALA A 102 35.32 23.27 3.98
N HIS A 103 35.78 22.04 3.77
CA HIS A 103 36.10 21.54 2.43
C HIS A 103 35.21 20.35 2.09
N TYR A 104 34.92 20.21 0.80
CA TYR A 104 34.05 19.16 0.32
C TYR A 104 34.46 18.76 -1.09
N LEU A 105 34.00 17.58 -1.50
CA LEU A 105 34.26 17.06 -2.84
C LEU A 105 33.11 17.50 -3.75
N ASN A 106 33.42 18.37 -4.71
CA ASN A 106 32.38 18.97 -5.54
C ASN A 106 31.90 17.97 -6.59
N ASN A 107 31.07 18.45 -7.52
CA ASN A 107 30.42 17.54 -8.46
C ASN A 107 31.40 16.94 -9.46
N ASP A 108 32.38 17.72 -9.89
CA ASP A 108 33.34 17.28 -10.90
C ASP A 108 34.37 16.30 -10.36
N GLY A 109 34.25 15.88 -9.11
CA GLY A 109 35.25 15.01 -8.52
C GLY A 109 36.51 15.71 -8.07
N LYS A 110 36.43 17.01 -7.79
CA LYS A 110 37.55 17.78 -7.29
C LYS A 110 37.22 18.28 -5.88
N MET A 111 38.18 18.95 -5.26
CA MET A 111 38.02 19.45 -3.90
C MET A 111 37.81 20.95 -3.93
N ALA A 112 36.73 21.41 -3.30
CA ALA A 112 36.45 22.82 -3.13
C ALA A 112 36.09 23.08 -1.67
N SER A 113 36.32 24.29 -1.21
CA SER A 113 36.09 24.64 0.19
C SER A 113 35.41 26.00 0.28
N VAL A 114 34.84 26.27 1.44
CA VAL A 114 34.18 27.53 1.74
C VAL A 114 34.94 28.19 2.87
N LYS A 115 35.40 29.43 2.65
CA LYS A 115 36.20 30.14 3.63
C LYS A 115 35.47 31.41 4.04
N CYS A 116 35.13 31.51 5.32
CA CYS A 116 34.52 32.71 5.86
C CYS A 116 35.55 33.83 5.93
N PRO A 117 35.10 35.08 5.98
CA PRO A 117 36.04 36.21 6.12
C PRO A 117 36.77 36.12 7.44
N PRO A 118 37.89 36.83 7.59
CA PRO A 118 38.68 36.74 8.83
C PRO A 118 37.85 37.10 10.05
N LYS A 119 38.09 36.36 11.14
CA LYS A 119 37.43 36.48 12.44
C LYS A 119 35.98 36.02 12.42
N TYR A 120 35.45 35.58 11.28
CA TYR A 120 34.12 35.02 11.19
C TYR A 120 34.19 33.49 11.29
N GLU A 121 33.11 32.89 11.79
CA GLU A 121 33.00 31.45 11.88
C GLU A 121 31.79 30.97 11.09
N LEU A 122 31.77 29.67 10.80
CA LEU A 122 30.68 29.06 10.06
C LEU A 122 29.56 28.67 11.02
N THR A 123 28.33 28.97 10.62
CA THR A 123 27.18 28.66 11.45
C THR A 123 26.94 27.16 11.50
N GLU A 124 25.91 26.75 12.24
CA GLU A 124 25.67 25.33 12.48
C GLU A 124 25.29 24.56 11.23
N ASP A 125 24.82 25.25 10.18
CA ASP A 125 24.52 24.60 8.91
C ASP A 125 25.58 24.89 7.85
N CYS A 126 26.69 25.53 8.24
CA CYS A 126 27.82 25.81 7.36
C CYS A 126 27.43 26.67 6.17
N ASN A 127 26.29 27.38 6.26
CA ASN A 127 25.79 28.18 5.14
C ASN A 127 26.08 29.67 5.30
N PHE A 128 26.25 30.16 6.52
CA PHE A 128 26.44 31.58 6.78
C PHE A 128 27.66 31.78 7.67
N CYS A 129 28.23 32.98 7.58
CA CYS A 129 29.34 33.39 8.43
C CYS A 129 28.82 34.30 9.52
N ARG A 130 29.22 34.03 10.76
CA ARG A 130 28.81 34.81 11.91
C ARG A 130 30.03 35.19 12.73
N GLN A 131 30.06 36.41 13.23
CA GLN A 131 31.20 36.93 13.97
C GLN A 131 30.87 36.96 15.46
N MET A 132 31.69 36.29 16.25
CA MET A 132 31.55 36.29 17.71
C MET A 132 32.79 36.95 18.30
N THR A 133 32.57 37.97 19.14
CA THR A 133 33.67 38.72 19.70
C THR A 133 34.45 37.89 20.71
N GLY A 134 35.78 38.01 20.67
CA GLY A 134 36.63 37.29 21.61
C GLY A 134 36.57 35.79 21.49
N ALA A 135 36.57 35.27 20.26
CA ALA A 135 36.54 33.84 20.01
C ALA A 135 37.79 33.43 19.24
N SER A 136 38.34 32.26 19.59
CA SER A 136 39.54 31.75 18.96
C SER A 136 39.14 30.69 17.94
N LEU A 137 39.22 31.04 16.66
CA LEU A 137 38.87 30.12 15.60
C LEU A 137 39.93 29.02 15.47
N LYS A 138 39.48 27.83 15.11
CA LYS A 138 40.40 26.74 14.84
C LYS A 138 41.16 27.02 13.55
N LYS A 139 42.36 26.45 13.46
CA LYS A 139 43.26 26.73 12.34
C LYS A 139 43.03 25.84 11.13
N GLY A 140 42.21 24.79 11.25
CA GLY A 140 41.93 23.90 10.15
C GLY A 140 40.56 24.12 9.53
N SER A 141 40.19 23.21 8.64
CA SER A 141 38.91 23.25 7.95
C SER A 141 38.14 21.98 8.24
N TYR A 142 36.84 22.11 8.42
CA TYR A 142 35.99 20.98 8.78
C TYR A 142 35.69 20.13 7.55
N PRO A 143 35.94 18.83 7.59
CA PRO A 143 35.53 17.95 6.48
C PRO A 143 34.03 17.80 6.45
N LEU A 144 33.40 18.30 5.38
CA LEU A 144 31.95 18.30 5.30
C LEU A 144 31.40 16.90 5.07
N GLN A 145 31.99 16.14 4.16
CA GLN A 145 31.49 14.84 3.78
C GLN A 145 32.25 13.73 4.50
N ASP A 146 31.60 12.58 4.59
CA ASP A 146 32.18 11.38 5.20
C ASP A 146 32.69 10.49 4.08
N LEU A 147 34.00 10.51 3.84
CA LEU A 147 34.59 9.76 2.75
C LEU A 147 36.02 9.38 3.09
N PHE A 148 36.50 8.33 2.43
CA PHE A 148 37.88 7.87 2.52
C PHE A 148 38.43 7.70 1.12
N CYS A 149 39.65 8.17 0.87
CA CYS A 149 40.17 8.18 -0.49
C CYS A 149 41.40 7.31 -0.64
N GLN A 150 41.60 6.82 -1.87
CA GLN A 150 42.68 5.91 -2.21
C GLN A 150 43.18 6.27 -3.60
N SER A 151 44.21 5.56 -4.06
CA SER A 151 44.82 5.79 -5.37
C SER A 151 44.39 4.68 -6.32
N SER A 152 43.89 5.07 -7.50
CA SER A 152 43.39 4.12 -8.47
C SER A 152 43.85 4.49 -9.87
N GLU A 153 44.04 3.47 -10.70
CA GLU A 153 44.32 3.65 -12.12
C GLU A 153 43.19 3.17 -13.01
N ASP A 154 42.19 2.48 -12.46
CA ASP A 154 41.04 2.05 -13.23
C ASP A 154 40.33 3.25 -13.84
N ASP A 155 39.97 3.14 -15.11
CA ASP A 155 39.31 4.22 -15.82
C ASP A 155 37.80 4.13 -15.64
N GLY A 156 37.17 5.30 -15.51
CA GLY A 156 35.73 5.35 -15.33
C GLY A 156 35.08 6.45 -16.14
N SER A 157 35.65 6.77 -17.30
CA SER A 157 35.11 7.85 -18.13
C SER A 157 33.71 7.54 -18.64
N LYS A 158 33.32 6.27 -18.69
CA LYS A 158 31.99 5.87 -19.11
C LYS A 158 31.03 5.69 -17.96
N LEU A 159 31.47 5.96 -16.73
CA LEU A 159 30.60 5.82 -15.56
C LEU A 159 29.71 7.04 -15.42
N LYS A 160 28.44 6.80 -15.08
CA LYS A 160 27.47 7.86 -14.92
C LYS A 160 26.45 7.44 -13.87
N THR A 161 25.72 8.44 -13.36
CA THR A 161 24.69 8.18 -12.36
C THR A 161 23.51 7.45 -13.01
N LYS A 162 23.11 6.33 -12.42
CA LYS A 162 22.00 5.53 -12.92
C LYS A 162 21.11 5.17 -11.72
N MET A 163 20.14 6.03 -11.44
CA MET A 163 19.17 5.80 -10.36
C MET A 163 17.77 5.77 -10.95
N LYS A 164 16.98 4.78 -10.53
CA LYS A 164 15.65 4.60 -11.07
C LYS A 164 14.64 5.46 -10.30
N GLY A 165 13.73 6.08 -11.05
CA GLY A 165 12.71 6.90 -10.44
C GLY A 165 13.21 8.20 -9.85
N VAL A 166 14.37 8.68 -10.27
CA VAL A 166 14.96 9.90 -9.76
C VAL A 166 15.10 10.89 -10.91
N CYS A 167 14.56 12.08 -10.73
CA CYS A 167 14.66 13.13 -11.75
C CYS A 167 15.89 14.00 -11.57
N GLU A 168 16.33 14.21 -10.34
CA GLU A 168 17.46 15.08 -10.07
C GLU A 168 17.99 14.78 -8.67
N VAL A 169 19.27 14.47 -8.57
CA VAL A 169 19.93 14.21 -7.29
C VAL A 169 21.05 15.20 -7.12
N GLY A 170 21.05 15.89 -5.99
CA GLY A 170 22.07 16.91 -5.74
C GLY A 170 21.97 18.01 -6.77
N VAL A 171 23.08 18.26 -7.46
CA VAL A 171 23.14 19.29 -8.50
C VAL A 171 23.10 18.67 -9.90
N GLN A 172 22.90 17.35 -9.99
CA GLN A 172 22.87 16.65 -11.27
C GLN A 172 21.44 16.52 -11.76
N ALA A 173 21.19 16.95 -13.00
CA ALA A 173 19.87 16.83 -13.62
C ALA A 173 19.85 15.51 -14.39
N LEU A 174 19.32 14.46 -13.76
CA LEU A 174 19.33 13.14 -14.38
C LEU A 174 18.49 13.11 -15.64
N LYS A 175 17.31 13.71 -15.60
CA LYS A 175 16.40 13.70 -16.75
C LYS A 175 15.43 14.87 -16.61
N LYS A 176 14.47 14.93 -17.53
CA LYS A 176 13.44 15.95 -17.53
C LYS A 176 12.09 15.31 -17.22
N CYS A 177 11.41 15.83 -16.21
CA CYS A 177 10.15 15.26 -15.75
C CYS A 177 9.10 16.35 -15.59
N ASP A 178 7.84 15.97 -15.79
CA ASP A 178 6.71 16.87 -15.63
C ASP A 178 5.65 16.19 -14.77
N GLY A 179 5.04 16.97 -13.87
CA GLY A 179 4.04 16.44 -12.99
C GLY A 179 4.44 16.48 -11.53
N GLN A 180 3.97 15.51 -10.75
CA GLN A 180 4.32 15.45 -9.34
C GLN A 180 5.82 15.20 -9.18
N LEU A 181 6.41 15.84 -8.17
CA LEU A 181 7.84 15.74 -7.91
C LEU A 181 8.05 15.69 -6.40
N SER A 182 8.21 14.48 -5.86
CA SER A 182 8.53 14.34 -4.44
C SER A 182 9.94 14.86 -4.20
N THR A 183 10.08 15.77 -3.24
CA THR A 183 11.34 16.43 -2.94
C THR A 183 11.66 16.27 -1.47
N ALA A 184 12.88 15.80 -1.18
CA ALA A 184 13.30 15.58 0.20
C ALA A 184 14.82 15.46 0.22
N HIS A 185 15.37 15.46 1.43
CA HIS A 185 16.79 15.27 1.65
C HIS A 185 17.05 13.80 1.99
N GLU A 186 17.98 13.18 1.27
CA GLU A 186 18.26 11.77 1.44
C GLU A 186 19.76 11.55 1.52
N VAL A 187 20.14 10.44 2.13
CA VAL A 187 21.54 10.04 2.24
C VAL A 187 21.86 9.18 1.02
N VAL A 188 22.60 9.74 0.07
CA VAL A 188 22.90 9.10 -1.20
C VAL A 188 24.39 8.77 -1.23
N PRO A 189 24.77 7.49 -1.19
CA PRO A 189 26.19 7.14 -1.39
C PRO A 189 26.65 7.51 -2.79
N PHE A 190 27.92 7.91 -2.89
CA PHE A 190 28.50 8.28 -4.17
C PHE A 190 29.90 7.69 -4.27
N ALA A 191 30.50 7.88 -5.44
CA ALA A 191 31.87 7.44 -5.67
C ALA A 191 32.43 8.25 -6.84
N VAL A 192 33.75 8.40 -6.86
CA VAL A 192 34.44 9.12 -7.91
C VAL A 192 35.49 8.21 -8.51
N PHE A 193 35.55 8.17 -9.83
CA PHE A 193 36.50 7.34 -10.57
C PHE A 193 37.42 8.24 -11.39
N LYS A 194 38.45 7.63 -11.95
CA LYS A 194 39.40 8.37 -12.77
C LYS A 194 38.72 8.88 -14.04
N ASN A 195 38.98 10.15 -14.37
CA ASN A 195 38.44 10.78 -15.57
C ASN A 195 36.91 10.73 -15.59
N SER A 196 36.29 10.97 -14.43
CA SER A 196 34.85 10.92 -14.32
C SER A 196 34.38 12.03 -13.37
N LYS A 197 33.07 12.13 -13.21
CA LYS A 197 32.43 13.02 -12.26
C LYS A 197 31.90 12.20 -11.09
N LYS A 198 31.18 12.87 -10.18
CA LYS A 198 30.58 12.16 -9.07
C LYS A 198 29.51 11.20 -9.57
N VAL A 199 29.51 9.99 -9.04
CA VAL A 199 28.61 8.93 -9.49
C VAL A 199 27.78 8.50 -8.28
N TYR A 200 26.58 9.05 -8.16
CA TYR A 200 25.69 8.63 -7.09
C TYR A 200 25.20 7.21 -7.36
N LEU A 201 25.03 6.44 -6.28
CA LEU A 201 24.66 5.04 -6.39
C LEU A 201 23.38 4.78 -5.60
N ASP A 202 22.71 3.69 -5.96
CA ASP A 202 21.55 3.22 -5.21
C ASP A 202 21.95 2.23 -4.12
N LYS A 203 22.86 1.31 -4.42
CA LYS A 203 23.33 0.31 -3.48
C LYS A 203 24.83 0.46 -3.29
N LEU A 204 25.28 0.42 -2.05
CA LEU A 204 26.69 0.57 -1.68
C LEU A 204 27.20 -0.80 -1.23
N ASP A 205 27.67 -1.60 -2.17
CA ASP A 205 28.34 -2.86 -1.87
C ASP A 205 29.77 -2.83 -2.35
N LEU A 206 30.70 -3.21 -1.47
CA LEU A 206 32.11 -3.02 -1.73
C LEU A 206 32.92 -4.07 -0.97
N LYS A 207 34.12 -4.32 -1.47
CA LYS A 207 35.00 -5.33 -0.90
C LYS A 207 36.44 -4.82 -0.91
N THR A 208 37.25 -5.39 -0.02
CA THR A 208 38.66 -5.03 0.07
C THR A 208 39.51 -6.28 -0.05
N GLU A 209 40.67 -6.13 -0.69
CA GLU A 209 41.63 -7.21 -0.86
C GLU A 209 43.01 -6.71 -0.45
N GLU A 210 43.60 -7.36 0.54
CA GLU A 210 44.86 -6.91 1.10
C GLU A 210 46.02 -7.17 0.13
N ASN A 211 47.12 -6.47 0.37
CA ASN A 211 48.32 -6.60 -0.44
C ASN A 211 49.54 -6.33 0.44
N LEU A 212 50.71 -6.18 -0.19
CA LEU A 212 51.95 -5.93 0.52
C LEU A 212 52.63 -4.66 0.01
N LEU A 213 51.84 -3.71 -0.46
CA LEU A 213 52.37 -2.43 -0.91
C LEU A 213 52.71 -1.55 0.29
N PRO A 214 53.57 -0.55 0.11
CA PRO A 214 54.02 0.25 1.27
C PRO A 214 52.91 0.91 2.05
N ASP A 215 51.78 1.23 1.42
CA ASP A 215 50.70 1.90 2.14
C ASP A 215 49.98 0.98 3.12
N SER A 216 50.25 -0.31 3.10
CA SER A 216 49.59 -1.27 3.98
C SER A 216 50.36 -1.53 5.27
N PHE A 217 51.48 -0.86 5.49
CA PHE A 217 52.33 -1.12 6.64
C PHE A 217 52.44 0.13 7.51
N VAL A 218 52.33 -0.07 8.82
CA VAL A 218 52.44 1.02 9.78
C VAL A 218 53.76 0.91 10.53
N CYS A 219 54.76 1.64 10.07
CA CYS A 219 56.07 1.64 10.71
C CYS A 219 56.13 2.74 11.76
N PHE A 220 56.69 2.41 12.92
CA PHE A 220 56.86 3.38 14.00
C PHE A 220 58.24 3.19 14.62
N GLU A 221 58.51 3.98 15.65
CA GLU A 221 59.81 3.97 16.31
C GLU A 221 59.69 4.73 17.61
N HIS A 222 60.33 4.22 18.66
CA HIS A 222 60.21 4.82 19.98
C HIS A 222 61.04 6.09 20.08
N LYS A 223 60.58 7.00 20.94
CA LYS A 223 61.29 8.25 21.19
C LYS A 223 62.33 8.02 22.28
N GLY A 224 63.56 8.49 22.03
CA GLY A 224 64.66 8.16 22.90
C GLY A 224 65.30 6.82 22.63
N GLN A 225 64.87 6.14 21.57
CA GLN A 225 65.37 4.80 21.27
C GLN A 225 66.84 4.86 20.89
N TYR A 226 67.60 3.88 21.37
CA TYR A 226 69.03 3.81 21.09
C TYR A 226 69.28 3.62 19.60
N LYS A 227 70.26 4.36 19.07
CA LYS A 227 70.68 4.27 17.68
C LYS A 227 69.51 4.54 16.72
N GLY A 228 68.70 5.54 17.04
CA GLY A 228 67.61 5.95 16.20
C GLY A 228 67.50 7.46 16.14
N THR A 229 66.61 7.94 15.29
CA THR A 229 66.35 9.37 15.21
C THR A 229 65.78 9.87 16.53
N MET A 230 66.19 11.07 16.93
CA MET A 230 65.85 11.63 18.24
C MET A 230 66.34 10.69 19.35
N ASP A 231 67.67 10.55 19.42
CA ASP A 231 68.33 9.68 20.38
C ASP A 231 68.82 10.54 21.55
N SER A 232 67.90 10.86 22.45
CA SER A 232 68.22 11.67 23.62
C SER A 232 67.29 11.26 24.76
N GLY A 233 67.71 11.60 25.99
CA GLY A 233 66.92 11.23 27.14
C GLY A 233 65.53 11.82 27.07
N GLN A 234 64.55 11.05 27.56
CA GLN A 234 63.16 11.43 27.49
C GLN A 234 62.52 11.35 28.86
N THR A 235 61.40 12.07 29.01
CA THR A 235 60.60 12.02 30.23
C THR A 235 59.26 11.35 30.02
N LYS A 236 58.95 10.93 28.79
CA LYS A 236 57.69 10.29 28.48
C LYS A 236 57.93 9.19 27.45
N ARG A 237 57.10 8.16 27.49
CA ARG A 237 57.19 7.03 26.56
C ARG A 237 56.19 7.27 25.43
N GLU A 238 56.70 7.74 24.30
CA GLU A 238 55.87 8.04 23.13
C GLU A 238 56.53 7.47 21.89
N LEU A 239 55.69 7.17 20.89
CA LEU A 239 56.17 6.61 19.64
C LEU A 239 56.51 7.73 18.66
N LYS A 240 57.02 7.34 17.48
CA LYS A 240 57.37 8.29 16.45
C LYS A 240 57.26 7.59 15.11
N SER A 241 56.69 8.28 14.12
CA SER A 241 56.44 7.67 12.83
C SER A 241 57.74 7.38 12.10
N PHE A 242 57.69 6.40 11.21
CA PHE A 242 58.86 5.96 10.45
C PHE A 242 58.46 5.77 8.99
N ASP A 243 59.37 6.12 8.09
CA ASP A 243 59.11 6.03 6.65
C ASP A 243 59.59 4.69 6.13
N ILE A 244 58.66 3.90 5.58
CA ILE A 244 58.98 2.55 5.12
C ILE A 244 59.83 2.55 3.85
N SER A 245 60.04 3.71 3.22
CA SER A 245 60.85 3.76 2.02
C SER A 245 62.32 3.46 2.29
N GLN A 246 62.73 3.41 3.57
CA GLN A 246 64.12 3.17 3.92
C GLN A 246 64.42 1.70 4.15
N CYS A 247 63.48 0.96 4.75
CA CYS A 247 63.73 -0.45 5.02
C CYS A 247 63.86 -1.23 3.71
N PRO A 248 64.90 -2.04 3.55
CA PRO A 248 65.15 -2.67 2.25
C PRO A 248 64.08 -3.70 1.90
N LYS A 249 63.79 -3.79 0.61
CA LYS A 249 62.91 -4.84 0.12
C LYS A 249 63.66 -6.16 0.07
N ILE A 250 62.90 -7.26 0.02
CA ILE A 250 63.52 -8.58 0.05
C ILE A 250 64.42 -8.75 -1.16
N GLY A 251 65.63 -9.27 -0.92
CA GLY A 251 66.62 -9.35 -1.98
C GLY A 251 67.02 -8.01 -2.55
N GLY A 252 67.07 -6.97 -1.72
CA GLY A 252 67.38 -5.64 -2.20
C GLY A 252 68.31 -4.86 -1.29
N HIS A 253 68.26 -3.53 -1.38
CA HIS A 253 69.13 -2.66 -0.62
C HIS A 253 68.32 -1.56 0.05
N GLY A 254 68.77 -1.15 1.23
CA GLY A 254 68.11 -0.10 1.98
C GLY A 254 69.11 0.65 2.83
N SER A 255 68.60 1.59 3.62
CA SER A 255 69.44 2.43 4.46
C SER A 255 69.28 2.17 5.94
N LYS A 256 68.16 1.59 6.39
CA LYS A 256 67.90 1.35 7.79
C LYS A 256 67.55 -0.11 8.02
N LYS A 257 68.03 -0.66 9.12
CA LYS A 257 67.61 -2.00 9.52
C LYS A 257 66.17 -1.96 9.99
N CYS A 258 65.39 -2.97 9.60
CA CYS A 258 63.96 -2.96 9.82
C CYS A 258 63.47 -4.33 10.24
N THR A 259 62.55 -4.36 11.19
CA THR A 259 61.93 -5.60 11.64
C THR A 259 60.43 -5.40 11.73
N GLY A 260 59.69 -6.50 11.77
CA GLY A 260 58.25 -6.41 11.80
C GLY A 260 57.60 -7.75 12.05
N ASP A 261 56.31 -7.81 11.74
CA ASP A 261 55.51 -9.01 11.96
C ASP A 261 55.68 -9.97 10.78
N ALA A 262 54.84 -11.00 10.73
CA ALA A 262 54.95 -12.02 9.69
C ALA A 262 54.70 -11.43 8.31
N ALA A 263 53.68 -10.59 8.17
CA ALA A 263 53.36 -10.01 6.87
C ALA A 263 54.50 -9.14 6.35
N PHE A 264 55.10 -8.34 7.23
CA PHE A 264 56.23 -7.51 6.83
C PHE A 264 57.43 -8.36 6.43
N CYS A 265 57.71 -9.42 7.22
CA CYS A 265 58.84 -10.28 6.90
C CYS A 265 58.63 -11.07 5.62
N SER A 266 57.38 -11.32 5.23
CA SER A 266 57.12 -12.05 4.01
C SER A 266 57.37 -11.23 2.76
N ALA A 267 57.36 -9.90 2.85
CA ALA A 267 57.56 -9.02 1.72
C ALA A 267 58.86 -8.23 1.79
N TYR A 268 59.20 -7.70 2.95
CA TYR A 268 60.45 -6.98 3.15
C TYR A 268 61.48 -7.89 3.80
N GLU A 269 62.72 -7.40 3.85
CA GLU A 269 63.84 -8.16 4.40
C GLU A 269 63.98 -7.81 5.88
N CYS A 270 63.49 -8.69 6.74
CA CYS A 270 63.62 -8.47 8.18
C CYS A 270 65.06 -8.73 8.61
N THR A 271 65.61 -7.80 9.38
CA THR A 271 67.02 -7.84 9.73
C THR A 271 67.30 -8.88 10.80
N ALA A 272 68.59 -9.22 10.95
CA ALA A 272 69.05 -10.09 12.02
C ALA A 272 69.87 -9.34 13.07
N GLN A 273 70.22 -8.09 12.81
CA GLN A 273 70.94 -7.26 13.77
C GLN A 273 69.94 -6.47 14.60
N TYR A 274 70.44 -5.49 15.35
CA TYR A 274 69.57 -4.61 16.11
C TYR A 274 68.76 -3.73 15.15
N ALA A 275 67.44 -3.77 15.28
CA ALA A 275 66.57 -3.09 14.33
C ALA A 275 66.42 -1.62 14.68
N ASN A 276 66.06 -0.83 13.67
CA ASN A 276 65.85 0.61 13.84
C ASN A 276 64.37 0.98 13.94
N ALA A 277 63.47 0.17 13.41
CA ALA A 277 62.05 0.47 13.47
C ALA A 277 61.26 -0.82 13.35
N TYR A 278 60.06 -0.82 13.93
CA TYR A 278 59.16 -1.95 13.88
C TYR A 278 58.03 -1.64 12.92
N CYS A 279 57.89 -2.46 11.88
CA CYS A 279 56.92 -2.24 10.82
C CYS A 279 55.85 -3.33 10.88
N SER A 280 54.69 -2.99 11.42
CA SER A 280 53.57 -3.91 11.47
C SER A 280 52.74 -3.76 10.19
N HIS A 281 51.57 -4.39 10.17
CA HIS A 281 50.68 -4.39 9.02
C HIS A 281 49.39 -3.69 9.40
N ALA A 282 49.03 -2.65 8.66
CA ALA A 282 47.77 -1.95 8.88
C ALA A 282 46.62 -2.94 8.75
N ASN A 283 45.95 -3.24 9.87
CA ASN A 283 45.10 -4.42 9.91
C ASN A 283 43.86 -4.26 9.05
N GLY A 284 43.46 -3.02 8.76
CA GLY A 284 42.29 -2.78 7.95
C GLY A 284 42.53 -2.35 6.52
N SER A 285 43.78 -2.19 6.11
CA SER A 285 44.07 -1.60 4.81
C SER A 285 43.84 -2.61 3.69
N GLY A 286 44.16 -2.21 2.47
CA GLY A 286 43.99 -3.01 1.28
C GLY A 286 43.61 -2.14 0.12
N ILE A 287 42.92 -2.74 -0.85
CA ILE A 287 42.38 -2.02 -2.00
C ILE A 287 40.87 -2.24 -2.01
N VAL A 288 40.12 -1.15 -2.00
CA VAL A 288 38.66 -1.21 -1.93
C VAL A 288 38.11 -1.10 -3.34
N GLN A 289 37.21 -2.01 -3.70
CA GLN A 289 36.61 -2.04 -5.02
C GLN A 289 35.09 -1.89 -4.89
N ILE A 290 34.52 -1.08 -5.78
CA ILE A 290 33.09 -0.82 -5.78
C ILE A 290 32.46 -1.59 -6.92
N GLN A 291 31.17 -1.89 -6.79
CA GLN A 291 30.41 -2.63 -7.78
C GLN A 291 29.39 -1.68 -8.42
N VAL A 292 29.61 -1.33 -9.68
CA VAL A 292 28.72 -0.47 -10.43
C VAL A 292 28.26 -1.23 -11.67
N SER A 293 26.94 -1.31 -11.85
CA SER A 293 26.34 -2.05 -12.96
C SER A 293 26.80 -3.50 -12.98
N GLY A 294 26.92 -4.11 -11.81
CA GLY A 294 27.27 -5.50 -11.70
C GLY A 294 28.77 -5.79 -11.76
N VAL A 295 29.52 -4.96 -12.46
CA VAL A 295 30.95 -5.17 -12.61
C VAL A 295 31.70 -4.38 -11.56
N TRP A 296 32.67 -5.02 -10.92
CA TRP A 296 33.49 -4.34 -9.92
C TRP A 296 34.41 -3.32 -10.56
N LYS A 297 34.65 -2.23 -9.85
CA LYS A 297 35.57 -1.18 -10.31
C LYS A 297 36.37 -0.67 -9.11
N LYS A 298 37.46 0.02 -9.42
CA LYS A 298 38.32 0.60 -8.39
C LYS A 298 38.09 2.10 -8.34
N PRO A 299 37.37 2.61 -7.35
CA PRO A 299 37.07 4.04 -7.31
C PRO A 299 38.26 4.85 -6.83
N LEU A 300 38.29 6.13 -7.27
CA LEU A 300 39.23 7.06 -6.67
C LEU A 300 38.92 7.24 -5.19
N CYS A 301 37.65 7.47 -4.86
CA CYS A 301 37.18 7.34 -3.49
C CYS A 301 35.67 7.49 -3.39
N VAL A 302 35.12 6.93 -2.32
CA VAL A 302 33.69 6.77 -2.10
C VAL A 302 33.28 7.48 -0.81
N GLY A 303 32.01 7.79 -0.72
CA GLY A 303 31.46 8.38 0.48
C GLY A 303 29.95 8.44 0.40
N TYR A 304 29.37 9.36 1.19
CA TYR A 304 27.95 9.61 1.10
C TYR A 304 27.65 11.03 1.53
N GLU A 305 26.51 11.54 1.09
CA GLU A 305 26.10 12.92 1.29
C GLU A 305 24.70 12.95 1.87
N ARG A 306 24.18 14.17 2.05
CA ARG A 306 22.76 14.40 2.34
C ARG A 306 22.32 15.48 1.36
N VAL A 307 21.90 15.05 0.17
CA VAL A 307 21.52 15.97 -0.88
C VAL A 307 20.02 15.90 -1.08
N VAL A 308 19.49 16.80 -1.90
CA VAL A 308 18.08 16.89 -2.18
C VAL A 308 17.79 16.15 -3.48
N VAL A 309 16.97 15.11 -3.41
CA VAL A 309 16.61 14.30 -4.56
C VAL A 309 15.16 14.62 -4.94
N LYS A 310 14.91 14.76 -6.22
CA LYS A 310 13.57 15.04 -6.76
C LYS A 310 13.08 13.77 -7.44
N ARG A 311 12.32 12.96 -6.72
CA ARG A 311 11.80 11.71 -7.24
C ARG A 311 10.49 11.93 -7.99
N GLU A 312 10.02 10.87 -8.65
CA GLU A 312 8.69 10.82 -9.24
C GLU A 312 7.96 9.65 -8.59
N LEU A 313 6.97 9.96 -7.75
CA LEU A 313 6.25 8.92 -7.04
C LEU A 313 5.52 8.00 -8.01
N SER A 314 4.84 8.57 -9.00
CA SER A 314 4.09 7.78 -9.97
C SER A 314 3.69 8.67 -11.13
N ALA A 315 3.56 8.06 -12.30
CA ALA A 315 2.92 8.70 -13.44
C ALA A 315 1.43 8.40 -13.44
N LYS A 316 1.07 7.13 -13.24
CA LYS A 316 -0.31 6.69 -13.07
C LYS A 316 -0.30 5.41 -12.23
N PRO A 317 -0.95 5.43 -11.05
CA PRO A 317 -0.93 4.24 -10.19
C PRO A 317 -1.52 3.00 -10.86
N ILE A 318 -2.78 3.10 -11.31
CA ILE A 318 -3.45 1.99 -11.97
C ILE A 318 -4.67 2.55 -12.68
N GLN A 319 -5.00 1.94 -13.82
CA GLN A 319 -6.17 2.33 -14.61
C GLN A 319 -7.13 1.15 -14.68
N ARG A 320 -8.36 1.36 -14.21
CA ARG A 320 -9.39 0.32 -14.17
C ARG A 320 -10.61 0.82 -14.92
N VAL A 321 -10.64 0.60 -16.22
CA VAL A 321 -11.77 0.95 -17.07
C VAL A 321 -12.04 -0.24 -18.00
N GLU A 322 -13.28 -0.72 -18.01
CA GLU A 322 -13.62 -1.87 -18.83
C GLU A 322 -15.10 -1.90 -19.18
N PRO A 323 -15.54 -1.16 -20.21
CA PRO A 323 -16.92 -1.24 -20.68
C PRO A 323 -17.13 -2.33 -21.73
N CYS A 324 -16.64 -3.53 -21.44
CA CYS A 324 -16.71 -4.62 -22.40
C CYS A 324 -18.14 -5.10 -22.58
N THR A 325 -18.51 -5.37 -23.83
CA THR A 325 -19.84 -5.88 -24.17
C THR A 325 -19.72 -7.00 -25.20
N THR A 326 -18.70 -7.85 -25.07
CA THR A 326 -18.46 -8.93 -26.02
C THR A 326 -19.17 -10.20 -25.55
N CYS A 327 -20.49 -10.11 -25.49
CA CYS A 327 -21.33 -11.23 -25.12
C CYS A 327 -22.73 -11.03 -25.69
N ILE A 328 -23.43 -12.14 -25.87
CA ILE A 328 -24.81 -12.13 -26.38
C ILE A 328 -25.70 -12.71 -25.30
N THR A 329 -26.72 -11.95 -24.92
CA THR A 329 -27.69 -12.36 -23.89
C THR A 329 -29.05 -12.47 -24.54
N LYS A 330 -29.54 -13.70 -24.69
CA LYS A 330 -30.84 -13.96 -25.31
C LYS A 330 -31.60 -14.94 -24.43
N CYS A 331 -32.72 -14.48 -23.86
CA CYS A 331 -33.53 -15.35 -23.03
C CYS A 331 -34.19 -16.43 -23.86
N GLU A 332 -34.18 -17.66 -23.34
CA GLU A 332 -34.69 -18.83 -24.02
C GLU A 332 -35.70 -19.54 -23.13
N PRO A 333 -36.75 -20.12 -23.69
CA PRO A 333 -37.73 -20.84 -22.86
C PRO A 333 -37.12 -21.94 -22.01
N HIS A 334 -36.12 -22.65 -22.54
CA HIS A 334 -35.46 -23.68 -21.76
C HIS A 334 -34.74 -23.09 -20.55
N GLY A 335 -34.09 -21.95 -20.73
CA GLY A 335 -33.42 -21.28 -19.63
C GLY A 335 -32.78 -20.00 -20.11
N LEU A 336 -32.30 -19.22 -19.15
CA LEU A 336 -31.64 -17.95 -19.45
C LEU A 336 -30.22 -18.24 -19.89
N VAL A 337 -29.96 -18.11 -21.20
CA VAL A 337 -28.68 -18.45 -21.80
C VAL A 337 -28.01 -17.18 -22.28
N VAL A 338 -26.74 -16.98 -21.90
CA VAL A 338 -25.94 -15.87 -22.36
C VAL A 338 -24.69 -16.43 -23.03
N ARG A 339 -24.47 -16.05 -24.29
CA ARG A 339 -23.33 -16.51 -25.06
C ARG A 339 -22.28 -15.41 -25.10
N SER A 340 -21.06 -15.74 -24.69
CA SER A 340 -19.96 -14.79 -24.63
C SER A 340 -18.89 -15.14 -25.66
N THR A 341 -17.88 -14.29 -25.75
CA THR A 341 -16.74 -14.54 -26.63
C THR A 341 -15.74 -15.44 -25.92
N GLY A 342 -14.53 -15.54 -26.47
CA GLY A 342 -13.48 -16.42 -26.00
C GLY A 342 -13.35 -16.59 -24.49
N PHE A 343 -13.53 -15.51 -23.73
CA PHE A 343 -13.41 -15.63 -22.28
C PHE A 343 -14.54 -16.49 -21.73
N LYS A 344 -14.19 -17.38 -20.81
CA LYS A 344 -15.10 -18.40 -20.31
C LYS A 344 -15.78 -17.93 -19.03
N ILE A 345 -16.98 -18.46 -18.79
CA ILE A 345 -17.77 -18.13 -17.61
C ILE A 345 -17.96 -19.41 -16.80
N SER A 346 -17.59 -19.35 -15.52
CA SER A 346 -17.73 -20.48 -14.61
C SER A 346 -18.98 -20.38 -13.75
N SER A 347 -19.16 -19.27 -13.05
CA SER A 347 -20.32 -19.05 -12.19
C SER A 347 -20.93 -17.70 -12.50
N ALA A 348 -22.26 -17.62 -12.38
CA ALA A 348 -22.98 -16.39 -12.68
C ALA A 348 -24.20 -16.30 -11.79
N VAL A 349 -24.69 -15.08 -11.61
CA VAL A 349 -25.89 -14.80 -10.85
C VAL A 349 -26.76 -13.83 -11.63
N ALA A 350 -28.07 -14.03 -11.55
CA ALA A 350 -29.04 -13.20 -12.24
C ALA A 350 -29.97 -12.56 -11.22
N CYS A 351 -30.10 -11.23 -11.29
CA CYS A 351 -30.91 -10.47 -10.35
C CYS A 351 -32.02 -9.75 -11.10
N ALA A 352 -33.25 -9.91 -10.63
CA ALA A 352 -34.42 -9.27 -11.24
C ALA A 352 -35.38 -8.89 -10.12
N SER A 353 -35.35 -7.62 -9.71
CA SER A 353 -36.27 -7.07 -8.70
C SER A 353 -36.15 -7.84 -7.39
N GLY A 354 -34.95 -7.79 -6.80
CA GLY A 354 -34.74 -8.39 -5.49
C GLY A 354 -34.36 -9.85 -5.54
N VAL A 355 -35.25 -10.68 -6.08
CA VAL A 355 -35.00 -12.12 -6.14
C VAL A 355 -33.87 -12.39 -7.11
N CYS A 356 -32.92 -13.23 -6.69
CA CYS A 356 -31.75 -13.56 -7.49
C CYS A 356 -31.63 -15.07 -7.63
N VAL A 357 -31.00 -15.49 -8.72
CA VAL A 357 -30.77 -16.90 -9.00
C VAL A 357 -29.33 -17.08 -9.45
N THR A 358 -28.68 -18.14 -8.98
CA THR A 358 -27.28 -18.39 -9.25
C THR A 358 -27.10 -19.67 -10.04
N GLY A 359 -26.00 -19.77 -10.75
CA GLY A 359 -25.67 -20.97 -11.50
C GLY A 359 -24.18 -21.20 -11.51
N SER A 360 -23.80 -22.48 -11.56
CA SER A 360 -22.40 -22.89 -11.57
C SER A 360 -22.17 -23.90 -12.67
N GLN A 361 -21.01 -23.80 -13.32
CA GLN A 361 -20.67 -24.68 -14.43
C GLN A 361 -19.17 -24.59 -14.67
N SER A 362 -18.67 -25.53 -15.49
CA SER A 362 -17.28 -25.47 -15.91
C SER A 362 -17.06 -24.27 -16.83
N PRO A 363 -15.85 -23.73 -16.88
CA PRO A 363 -15.59 -22.55 -17.72
C PRO A 363 -15.96 -22.81 -19.18
N SER A 364 -16.84 -21.95 -19.70
CA SER A 364 -17.34 -22.10 -21.06
C SER A 364 -17.74 -20.73 -21.59
N THR A 365 -17.84 -20.64 -22.92
CA THR A 365 -18.22 -19.39 -23.56
C THR A 365 -19.68 -19.04 -23.34
N GLU A 366 -20.49 -19.95 -22.80
CA GLU A 366 -21.89 -19.69 -22.55
C GLU A 366 -22.32 -20.40 -21.27
N ILE A 367 -23.42 -19.93 -20.69
CA ILE A 367 -23.96 -20.51 -19.47
C ILE A 367 -25.47 -20.30 -19.47
N THR A 368 -26.20 -21.29 -18.99
CA THR A 368 -27.65 -21.21 -18.87
C THR A 368 -28.05 -21.15 -17.39
N LEU A 369 -29.09 -20.38 -17.11
CA LEU A 369 -29.53 -20.15 -15.74
C LEU A 369 -31.05 -20.22 -15.67
N LYS A 370 -31.55 -20.59 -14.50
CA LYS A 370 -32.99 -20.54 -14.25
C LYS A 370 -33.45 -19.09 -14.16
N TYR A 371 -34.68 -18.86 -14.58
CA TYR A 371 -35.21 -17.50 -14.58
C TYR A 371 -35.50 -17.04 -13.14
N PRO A 372 -35.18 -15.79 -12.81
CA PRO A 372 -35.40 -15.29 -11.44
C PRO A 372 -36.84 -14.86 -11.23
N GLY A 373 -37.54 -15.57 -10.34
CA GLY A 373 -38.90 -15.20 -9.98
C GLY A 373 -39.85 -15.24 -11.17
N ILE A 374 -40.69 -14.22 -11.28
CA ILE A 374 -41.66 -14.11 -12.34
C ILE A 374 -41.17 -13.21 -13.48
N SER A 375 -39.86 -12.97 -13.55
CA SER A 375 -39.32 -12.17 -14.64
C SER A 375 -39.51 -12.88 -15.98
N GLN A 376 -39.53 -14.20 -15.99
CA GLN A 376 -39.80 -14.95 -17.22
C GLN A 376 -41.20 -14.63 -17.75
N SER A 377 -42.19 -14.58 -16.86
CA SER A 377 -43.55 -14.28 -17.27
C SER A 377 -43.74 -12.80 -17.60
N SER A 378 -43.13 -11.92 -16.80
CA SER A 378 -43.32 -10.48 -16.94
C SER A 378 -42.28 -9.82 -17.83
N GLY A 379 -41.28 -10.55 -18.29
CA GLY A 379 -40.25 -9.94 -19.12
C GLY A 379 -39.44 -8.94 -18.32
N GLY A 380 -39.37 -7.71 -18.83
CA GLY A 380 -38.64 -6.66 -18.15
C GLY A 380 -37.13 -6.74 -18.38
N ASP A 381 -36.40 -6.06 -17.50
CA ASP A 381 -34.95 -6.01 -17.55
C ASP A 381 -34.36 -6.84 -16.42
N ILE A 382 -33.33 -7.62 -16.73
CA ILE A 382 -32.68 -8.51 -15.78
C ILE A 382 -31.19 -8.23 -15.80
N GLY A 383 -30.61 -8.04 -14.63
CA GLY A 383 -29.17 -7.84 -14.51
C GLY A 383 -28.46 -9.15 -14.21
N VAL A 384 -27.25 -9.29 -14.75
CA VAL A 384 -26.47 -10.52 -14.63
C VAL A 384 -25.07 -10.17 -14.16
N HIS A 385 -24.60 -10.86 -13.12
CA HIS A 385 -23.21 -10.77 -12.66
C HIS A 385 -22.56 -12.12 -12.85
N MET A 386 -21.44 -12.16 -13.56
CA MET A 386 -20.73 -13.39 -13.85
C MET A 386 -19.24 -13.20 -13.61
N ALA A 387 -18.54 -14.33 -13.45
CA ALA A 387 -17.11 -14.34 -13.17
C ALA A 387 -16.39 -14.80 -14.43
N HIS A 388 -15.70 -13.88 -15.10
CA HIS A 388 -14.90 -14.21 -16.27
C HIS A 388 -13.55 -14.77 -15.86
N ASP A 389 -12.94 -15.54 -16.76
CA ASP A 389 -11.59 -16.01 -16.55
C ASP A 389 -10.56 -14.92 -16.82
N ASP A 390 -10.85 -14.02 -17.75
CA ASP A 390 -9.93 -12.96 -18.12
C ASP A 390 -10.18 -11.71 -17.28
N GLN A 391 -9.58 -10.59 -17.67
CA GLN A 391 -9.69 -9.34 -16.95
C GLN A 391 -10.07 -8.24 -17.94
N SER A 392 -10.34 -7.05 -17.41
CA SER A 392 -10.74 -5.88 -18.21
C SER A 392 -12.03 -6.16 -18.97
N VAL A 393 -12.95 -6.91 -18.35
CA VAL A 393 -14.27 -7.17 -18.90
C VAL A 393 -15.30 -6.86 -17.82
N SER A 394 -16.30 -6.05 -18.17
CA SER A 394 -17.33 -5.68 -17.21
C SER A 394 -18.12 -6.90 -16.75
N SER A 395 -18.30 -7.03 -15.45
CA SER A 395 -19.03 -8.15 -14.87
C SER A 395 -20.50 -7.84 -14.63
N LYS A 396 -20.95 -6.63 -14.92
CA LYS A 396 -22.35 -6.22 -14.72
C LYS A 396 -22.95 -5.87 -16.06
N ILE A 397 -23.83 -6.75 -16.56
CA ILE A 397 -24.54 -6.51 -17.81
C ILE A 397 -26.03 -6.71 -17.55
N VAL A 398 -26.85 -6.05 -18.38
CA VAL A 398 -28.29 -6.08 -18.25
C VAL A 398 -28.90 -6.61 -19.55
N ALA A 399 -29.94 -7.42 -19.41
CA ALA A 399 -30.63 -8.01 -20.56
C ALA A 399 -32.09 -7.57 -20.54
N HIS A 400 -32.57 -7.09 -21.67
CA HIS A 400 -33.97 -6.72 -21.85
C HIS A 400 -34.70 -7.86 -22.53
N CYS A 401 -35.80 -8.32 -21.92
CA CYS A 401 -36.54 -9.44 -22.45
C CYS A 401 -38.03 -9.15 -22.44
N PRO A 402 -38.74 -9.54 -23.48
CA PRO A 402 -40.20 -9.40 -23.48
C PRO A 402 -40.85 -10.52 -22.68
N PRO A 403 -42.13 -10.38 -22.34
CA PRO A 403 -42.81 -11.47 -21.63
C PRO A 403 -42.80 -12.76 -22.43
N GLN A 404 -42.62 -13.87 -21.74
CA GLN A 404 -42.53 -15.19 -22.35
C GLN A 404 -43.76 -16.02 -22.01
N ASP A 405 -43.89 -17.14 -22.72
CA ASP A 405 -45.01 -18.07 -22.52
C ASP A 405 -44.52 -19.32 -21.83
N PRO A 406 -44.99 -19.61 -20.61
CA PRO A 406 -44.53 -20.83 -19.92
C PRO A 406 -44.99 -22.13 -20.57
N CYS A 407 -46.00 -22.07 -21.45
CA CYS A 407 -46.53 -23.28 -22.05
C CYS A 407 -45.47 -24.01 -22.87
N LEU A 408 -44.67 -23.27 -23.63
CA LEU A 408 -43.56 -23.88 -24.36
C LEU A 408 -42.53 -24.44 -23.41
N VAL A 409 -42.33 -23.80 -22.26
CA VAL A 409 -41.32 -24.25 -21.30
C VAL A 409 -41.73 -25.59 -20.71
N HIS A 410 -42.97 -25.71 -20.24
CA HIS A 410 -43.43 -26.92 -19.58
C HIS A 410 -44.14 -27.89 -20.53
N GLY A 411 -44.23 -27.56 -21.82
CA GLY A 411 -44.89 -28.43 -22.78
C GLY A 411 -44.26 -29.80 -22.89
N CYS A 412 -45.08 -30.84 -22.80
CA CYS A 412 -44.59 -32.21 -22.89
C CYS A 412 -45.64 -33.13 -23.49
N CYS B 536 -54.58 -0.43 4.81
CA CYS B 536 -54.30 -1.86 4.78
C CYS B 536 -54.29 -2.25 6.24
N SER B 537 -54.00 -1.23 7.02
CA SER B 537 -54.27 -1.19 8.45
C SER B 537 -54.53 0.27 8.77
N GLU B 538 -55.42 0.53 9.70
CA GLU B 538 -55.84 1.89 10.02
C GLU B 538 -55.09 2.40 11.24
N LEU B 539 -55.40 3.61 11.65
CA LEU B 539 -54.79 4.22 12.83
C LEU B 539 -55.84 4.86 13.72
N ILE B 540 -57.00 4.21 13.80
CA ILE B 540 -58.14 4.76 14.53
C ILE B 540 -57.84 4.94 16.01
N GLN B 541 -56.86 4.22 16.55
CA GLN B 541 -56.54 4.36 17.98
C GLN B 541 -55.96 5.73 18.29
N ALA B 542 -55.25 6.33 17.34
CA ALA B 542 -54.62 7.64 17.56
C ALA B 542 -54.81 8.52 16.34
N SER B 543 -55.98 8.45 15.71
CA SER B 543 -56.26 9.31 14.57
C SER B 543 -56.50 10.73 15.04
N SER B 544 -55.90 11.69 14.35
CA SER B 544 -56.05 13.10 14.68
C SER B 544 -57.05 13.74 13.71
N ARG B 545 -57.16 15.07 13.78
CA ARG B 545 -58.08 15.81 12.87
C ARG B 545 -57.28 16.38 11.70
N ILE B 546 -56.62 15.51 10.92
CA ILE B 546 -55.78 15.97 9.78
C ILE B 546 -56.63 16.87 8.87
N THR B 551 -60.58 23.00 10.62
CA THR B 551 -60.62 24.24 9.80
C THR B 551 -60.46 23.83 8.33
N GLU B 552 -61.42 24.20 7.49
CA GLU B 552 -61.38 23.75 6.07
C GLU B 552 -60.00 24.04 5.48
N GLY B 553 -59.40 23.05 4.82
CA GLY B 553 -58.08 23.24 4.19
C GLY B 553 -56.94 23.18 5.19
N VAL B 554 -56.92 24.08 6.18
CA VAL B 554 -55.78 24.14 7.14
C VAL B 554 -55.62 22.77 7.81
N ASN B 555 -54.39 22.42 8.22
CA ASN B 555 -54.16 21.11 8.81
C ASN B 555 -54.01 21.24 10.31
N THR B 556 -54.64 20.32 11.04
CA THR B 556 -54.58 20.27 12.50
C THR B 556 -54.13 18.90 12.97
N LYS B 557 -53.07 18.39 12.35
CA LYS B 557 -52.51 17.11 12.77
C LYS B 557 -52.02 17.20 14.20
N CYS B 558 -52.34 16.19 15.01
CA CYS B 558 -51.99 16.16 16.43
C CYS B 558 -50.78 15.29 16.71
N ARG B 559 -49.91 15.09 15.71
CA ARG B 559 -48.68 14.31 15.86
C ARG B 559 -49.02 12.88 16.31
N LEU B 560 -49.68 12.16 15.42
CA LEU B 560 -50.19 10.82 15.67
C LEU B 560 -49.16 9.96 16.39
N SER B 561 -49.50 9.54 17.60
CA SER B 561 -48.57 8.85 18.47
C SER B 561 -48.72 7.33 18.47
N GLY B 562 -49.90 6.81 18.16
CA GLY B 562 -50.13 5.39 18.18
C GLY B 562 -49.25 4.62 17.21
N THR B 563 -48.55 3.62 17.72
CA THR B 563 -47.69 2.79 16.89
C THR B 563 -48.52 1.87 16.00
N ALA B 564 -47.89 1.34 14.97
CA ALA B 564 -48.53 0.44 14.02
C ALA B 564 -47.71 -0.84 13.91
N LEU B 565 -48.41 -1.96 13.82
CA LEU B 565 -47.78 -3.29 13.69
C LEU B 565 -48.36 -3.96 12.46
N ILE B 566 -47.57 -4.02 11.39
CA ILE B 566 -47.96 -4.73 10.18
C ILE B 566 -46.82 -5.64 9.75
N ARG B 567 -47.17 -6.83 9.27
CA ARG B 567 -46.17 -7.77 8.79
C ARG B 567 -45.54 -7.25 7.52
N ALA B 568 -44.21 -7.29 7.46
CA ALA B 568 -43.50 -6.78 6.29
C ALA B 568 -43.78 -7.65 5.08
N GLY B 569 -43.99 -7.02 3.94
CA GLY B 569 -44.25 -7.74 2.72
C GLY B 569 -43.04 -8.46 2.19
N SER B 570 -43.27 -9.34 1.21
CA SER B 570 -42.19 -10.08 0.59
C SER B 570 -41.29 -9.13 -0.20
N VAL B 571 -40.23 -9.68 -0.80
CA VAL B 571 -39.31 -8.87 -1.56
C VAL B 571 -40.03 -8.27 -2.76
N GLY B 572 -39.89 -6.96 -2.93
CA GLY B 572 -40.58 -6.24 -3.98
C GLY B 572 -42.01 -5.87 -3.67
N ALA B 573 -42.52 -6.23 -2.50
CA ALA B 573 -43.88 -5.88 -2.08
C ALA B 573 -43.86 -4.57 -1.30
N GLU B 574 -44.99 -4.21 -0.70
CA GLU B 574 -45.09 -2.92 -0.02
C GLU B 574 -45.99 -3.04 1.19
N ALA B 575 -45.76 -2.13 2.15
CA ALA B 575 -46.53 -2.04 3.38
C ALA B 575 -47.42 -0.81 3.33
N CYS B 576 -48.68 -0.98 3.70
CA CYS B 576 -49.70 0.00 3.34
C CYS B 576 -50.45 0.50 4.57
N LEU B 577 -50.87 1.77 4.50
CA LEU B 577 -51.42 2.54 5.60
C LEU B 577 -52.64 3.33 5.15
N MET B 578 -53.50 3.66 6.13
CA MET B 578 -54.80 4.28 5.92
C MET B 578 -54.98 5.55 6.77
N LEU B 579 -54.58 6.71 6.23
CA LEU B 579 -54.82 8.00 6.90
C LEU B 579 -56.09 8.64 6.35
N LYS B 580 -57.23 8.10 6.77
CA LYS B 580 -58.52 8.57 6.28
C LYS B 580 -58.99 9.81 7.05
N GLY B 581 -59.51 10.78 6.30
CA GLY B 581 -60.12 11.95 6.90
C GLY B 581 -61.61 12.01 6.63
N VAL B 582 -62.02 12.84 5.67
CA VAL B 582 -63.39 12.93 5.20
C VAL B 582 -63.45 12.37 3.79
N LYS B 583 -64.50 11.60 3.50
CA LYS B 583 -64.64 10.96 2.20
C LYS B 583 -64.48 11.97 1.08
N GLU B 584 -63.88 11.53 -0.03
CA GLU B 584 -63.47 12.34 -1.17
C GLU B 584 -62.35 13.32 -0.82
N ASP B 585 -61.71 13.15 0.33
CA ASP B 585 -60.61 14.01 0.75
C ASP B 585 -59.63 13.18 1.56
N GLN B 586 -58.43 13.74 1.75
CA GLN B 586 -57.37 13.16 2.58
C GLN B 586 -56.99 11.81 1.98
N THR B 587 -57.10 10.70 2.73
CA THR B 587 -56.66 9.38 2.28
C THR B 587 -55.19 9.43 1.85
N LYS B 588 -54.33 9.74 2.81
CA LYS B 588 -52.89 9.75 2.57
C LYS B 588 -52.32 8.37 2.85
N PHE B 589 -51.55 7.85 1.89
CA PHE B 589 -51.08 6.47 1.93
C PHE B 589 -49.58 6.46 2.22
N LEU B 590 -49.19 5.74 3.27
CA LEU B 590 -47.79 5.55 3.62
C LEU B 590 -47.37 4.17 3.14
N LYS B 591 -46.41 4.11 2.24
CA LYS B 591 -45.96 2.85 1.65
C LYS B 591 -44.51 2.58 2.05
N ILE B 592 -44.26 1.37 2.51
CA ILE B 592 -42.93 0.91 2.89
C ILE B 592 -42.58 -0.23 1.94
N LYS B 593 -41.92 0.09 0.84
CA LYS B 593 -41.59 -0.91 -0.17
C LYS B 593 -40.36 -1.70 0.27
N THR B 594 -40.46 -3.03 0.20
CA THR B 594 -39.34 -3.90 0.53
C THR B 594 -38.44 -4.01 -0.69
N VAL B 595 -37.27 -3.38 -0.64
CA VAL B 595 -36.38 -3.35 -1.79
C VAL B 595 -35.74 -4.72 -1.99
N SER B 596 -34.97 -5.18 -1.01
CA SER B 596 -34.27 -6.46 -1.12
C SER B 596 -33.83 -6.91 0.27
N SER B 597 -33.60 -8.21 0.39
CA SER B 597 -33.06 -8.82 1.59
C SER B 597 -31.74 -9.47 1.25
N GLU B 598 -30.69 -9.11 2.00
CA GLU B 598 -29.35 -9.63 1.75
C GLU B 598 -28.74 -10.16 3.04
N LEU B 599 -27.87 -11.14 2.90
CA LEU B 599 -27.18 -11.75 4.03
C LEU B 599 -25.78 -11.15 4.10
N SER B 600 -25.68 -9.99 4.74
CA SER B 600 -24.42 -9.27 4.80
C SER B 600 -23.42 -9.98 5.69
N CYS B 601 -22.20 -9.45 5.71
CA CYS B 601 -21.09 -10.04 6.44
C CYS B 601 -20.71 -9.15 7.63
N ARG B 602 -20.42 -9.78 8.76
CA ARG B 602 -19.90 -9.10 9.94
C ARG B 602 -18.41 -9.42 10.03
N GLU B 603 -17.58 -8.47 9.61
CA GLU B 603 -16.15 -8.70 9.54
C GLU B 603 -15.54 -8.83 10.93
N GLY B 604 -14.52 -9.68 11.03
CA GLY B 604 -13.80 -9.85 12.28
C GLY B 604 -12.44 -9.16 12.23
N GLN B 605 -11.37 -9.95 12.21
CA GLN B 605 -10.03 -9.40 12.11
C GLN B 605 -9.71 -9.06 10.64
N SER B 606 -8.65 -8.28 10.47
CA SER B 606 -8.25 -7.85 9.13
C SER B 606 -6.78 -7.48 9.13
N TYR B 607 -6.19 -7.50 7.94
CA TYR B 607 -4.82 -7.05 7.75
C TYR B 607 -4.63 -6.72 6.28
N TRP B 608 -3.50 -6.08 5.97
CA TRP B 608 -3.16 -5.68 4.61
C TRP B 608 -1.88 -6.35 4.18
N THR B 609 -1.70 -6.47 2.86
CA THR B 609 -0.51 -7.09 2.29
C THR B 609 -0.33 -6.59 0.87
N GLY B 610 0.87 -6.81 0.35
CA GLY B 610 1.19 -6.39 -1.00
C GLY B 610 2.34 -7.19 -1.57
N SER B 611 2.96 -6.63 -2.61
CA SER B 611 4.09 -7.27 -3.27
C SER B 611 5.38 -6.58 -2.83
N PHE B 612 6.33 -7.36 -2.33
CA PHE B 612 7.57 -6.83 -1.80
C PHE B 612 8.76 -7.51 -2.49
N SER B 613 9.82 -6.74 -2.70
CA SER B 613 11.06 -7.23 -3.28
C SER B 613 12.24 -6.75 -2.44
N PRO B 614 13.21 -7.62 -2.17
CA PRO B 614 14.33 -7.24 -1.30
C PRO B 614 15.52 -6.66 -2.06
N LYS B 615 16.25 -5.79 -1.37
CA LYS B 615 17.51 -5.24 -1.84
C LYS B 615 18.56 -5.47 -0.77
N CYS B 616 19.79 -5.79 -1.20
CA CYS B 616 20.85 -6.17 -0.28
C CYS B 616 22.08 -5.31 -0.50
N LEU B 617 22.75 -4.96 0.60
CA LEU B 617 24.04 -4.28 0.58
C LEU B 617 25.06 -5.17 1.28
N SER B 618 26.21 -5.36 0.66
CA SER B 618 27.23 -6.25 1.16
C SER B 618 28.53 -5.50 1.41
N SER B 619 29.33 -6.00 2.35
CA SER B 619 30.63 -5.43 2.66
C SER B 619 31.50 -6.52 3.24
N ARG B 620 32.53 -6.92 2.49
CA ARG B 620 33.39 -8.02 2.89
C ARG B 620 34.69 -7.47 3.46
N ARG B 621 34.96 -7.78 4.73
CA ARG B 621 36.17 -7.37 5.40
C ARG B 621 36.94 -8.59 5.88
N CYS B 622 38.27 -8.47 5.92
CA CYS B 622 39.11 -9.57 6.34
C CYS B 622 38.96 -9.81 7.85
N HIS B 623 39.66 -10.81 8.35
CA HIS B 623 39.59 -11.13 9.76
C HIS B 623 40.27 -10.05 10.59
N LEU B 624 39.76 -9.86 11.80
CA LEU B 624 40.23 -8.87 12.77
C LEU B 624 40.00 -7.44 12.31
N VAL B 625 39.28 -7.24 11.22
CA VAL B 625 38.96 -5.91 10.71
C VAL B 625 37.53 -5.58 11.13
N GLY B 626 37.37 -4.44 11.81
CA GLY B 626 36.06 -4.06 12.30
C GLY B 626 35.54 -5.02 13.34
N GLU B 627 34.40 -5.64 13.06
CA GLU B 627 33.82 -6.64 13.99
C GLU B 627 33.74 -8.00 13.28
N CYS B 628 34.85 -8.44 12.70
CA CYS B 628 34.87 -9.74 11.97
C CYS B 628 35.30 -10.86 12.93
N HIS B 629 35.34 -10.57 14.23
CA HIS B 629 35.67 -11.63 15.22
C HIS B 629 34.66 -12.77 15.04
N VAL B 630 35.14 -14.02 15.07
CA VAL B 630 34.24 -15.18 14.81
C VAL B 630 32.97 -15.05 15.66
N ASN B 631 33.13 -14.71 16.94
CA ASN B 631 31.96 -14.59 17.86
C ASN B 631 30.99 -13.53 17.30
N ARG B 632 31.52 -12.36 16.94
CA ARG B 632 30.67 -11.26 16.41
C ARG B 632 29.97 -11.74 15.14
N CYS B 633 30.71 -12.38 14.24
CA CYS B 633 30.13 -12.83 12.95
C CYS B 633 28.99 -13.82 13.21
N LEU B 634 29.17 -14.71 14.18
CA LEU B 634 28.15 -15.75 14.45
C LEU B 634 26.98 -15.15 15.24
N SER B 635 27.26 -14.30 16.23
CA SER B 635 26.18 -13.76 17.09
C SER B 635 25.45 -12.58 16.43
N TRP B 636 25.80 -12.25 15.19
CA TRP B 636 25.19 -11.04 14.57
C TRP B 636 23.67 -11.06 14.78
N ARG B 637 23.14 -10.10 15.54
CA ARG B 637 21.68 -10.01 15.78
C ARG B 637 21.05 -9.22 14.64
N ASP B 638 20.16 -9.83 13.88
CA ASP B 638 19.57 -9.15 12.69
C ASP B 638 19.15 -7.73 13.10
N ASN B 639 18.54 -7.59 14.26
CA ASN B 639 18.09 -6.30 14.77
C ASN B 639 19.23 -5.30 14.85
N GLU B 640 20.48 -5.75 14.90
CA GLU B 640 21.63 -4.88 15.01
C GLU B 640 22.25 -4.61 13.63
N THR B 641 22.55 -3.35 13.37
CA THR B 641 23.11 -2.92 12.09
C THR B 641 24.63 -2.83 12.19
N SER B 642 25.31 -3.18 11.10
CA SER B 642 26.76 -3.06 11.05
C SER B 642 27.17 -1.60 10.89
N ALA B 643 28.45 -1.34 11.14
CA ALA B 643 28.98 0.01 11.03
C ALA B 643 29.34 0.40 9.60
N GLU B 644 29.39 -0.57 8.68
CA GLU B 644 29.72 -0.24 7.29
C GLU B 644 28.56 0.48 6.61
N PHE B 645 27.33 0.03 6.85
CA PHE B 645 26.15 0.65 6.24
C PHE B 645 25.53 1.66 7.20
N SER B 646 26.36 2.64 7.61
CA SER B 646 25.89 3.71 8.47
C SER B 646 25.23 4.84 7.69
N PHE B 647 25.42 4.90 6.37
CA PHE B 647 24.70 5.89 5.58
C PHE B 647 23.21 5.59 5.57
N VAL B 648 22.83 4.33 5.74
CA VAL B 648 21.43 4.00 5.98
C VAL B 648 20.95 4.67 7.26
N GLY B 649 21.77 4.61 8.32
CA GLY B 649 21.44 5.29 9.55
C GLY B 649 20.15 4.76 10.16
N GLU B 650 19.24 5.67 10.46
CA GLU B 650 17.94 5.32 11.00
C GLU B 650 16.92 5.30 9.87
N SER B 651 16.15 4.21 9.80
CA SER B 651 15.14 4.06 8.77
C SER B 651 13.98 3.26 9.32
N THR B 652 12.81 3.47 8.73
CA THR B 652 11.59 2.79 9.15
C THR B 652 11.25 1.60 8.26
N THR B 653 12.07 1.30 7.27
CA THR B 653 11.82 0.18 6.38
C THR B 653 12.10 -1.14 7.09
N MET B 654 11.29 -2.15 6.76
CA MET B 654 11.54 -3.50 7.24
C MET B 654 12.91 -3.98 6.76
N ARG B 655 13.73 -4.47 7.68
CA ARG B 655 15.11 -4.77 7.33
C ARG B 655 15.67 -5.81 8.29
N GLU B 656 16.73 -6.47 7.85
CA GLU B 656 17.45 -7.44 8.66
C GLU B 656 18.91 -7.45 8.22
N ASN B 657 19.78 -7.91 9.12
CA ASN B 657 21.21 -7.92 8.89
C ASN B 657 21.76 -9.31 9.19
N LYS B 658 22.60 -9.82 8.29
CA LYS B 658 23.20 -11.14 8.44
C LYS B 658 24.71 -11.03 8.23
N CYS B 659 25.43 -11.98 8.80
CA CYS B 659 26.89 -12.06 8.68
C CYS B 659 27.28 -13.48 8.33
N PHE B 660 28.09 -13.63 7.28
CA PHE B 660 28.51 -14.93 6.78
C PHE B 660 30.03 -15.01 6.73
N GLU B 661 30.58 -16.15 7.10
CA GLU B 661 32.02 -16.38 7.00
C GLU B 661 32.39 -16.82 5.60
N GLN B 662 33.60 -16.44 5.18
CA GLN B 662 34.16 -16.87 3.91
C GLN B 662 35.57 -17.41 4.12
N CYS B 663 36.29 -17.66 3.03
CA CYS B 663 37.65 -18.18 3.13
C CYS B 663 38.58 -17.17 3.81
N GLY B 664 39.57 -17.71 4.50
CA GLY B 664 40.62 -16.89 5.08
C GLY B 664 41.99 -17.37 4.62
N GLY B 665 42.67 -16.55 3.84
CA GLY B 665 43.95 -16.92 3.28
C GLY B 665 44.24 -16.10 2.03
N TRP B 666 45.51 -16.16 1.60
CA TRP B 666 45.95 -15.31 0.51
C TRP B 666 45.19 -15.60 -0.78
N GLY B 667 44.69 -16.82 -0.95
CA GLY B 667 43.85 -17.11 -2.09
C GLY B 667 42.54 -16.38 -2.05
N CYS B 668 41.92 -16.29 -0.87
CA CYS B 668 40.67 -15.57 -0.73
C CYS B 668 40.86 -14.06 -0.88
N GLY B 669 41.99 -13.54 -0.40
CA GLY B 669 42.29 -12.13 -0.56
C GLY B 669 42.88 -11.48 0.68
N CYS B 670 42.93 -12.22 1.79
CA CYS B 670 43.36 -11.70 3.07
C CYS B 670 44.56 -12.47 3.57
N PHE B 671 45.54 -11.75 4.13
CA PHE B 671 46.75 -12.41 4.62
C PHE B 671 46.43 -13.36 5.77
N ASN B 672 45.50 -12.98 6.64
CA ASN B 672 45.13 -13.84 7.75
C ASN B 672 44.49 -15.12 7.25
N VAL B 673 44.62 -16.19 8.03
CA VAL B 673 44.07 -17.49 7.65
C VAL B 673 42.74 -17.79 8.34
N ASN B 674 42.41 -17.07 9.41
CA ASN B 674 41.09 -17.20 10.01
C ASN B 674 40.03 -16.69 9.02
N PRO B 675 38.81 -17.21 9.10
CA PRO B 675 37.81 -16.87 8.08
C PRO B 675 37.41 -15.40 8.14
N SER B 676 37.15 -14.83 6.97
CA SER B 676 36.73 -13.45 6.87
C SER B 676 35.23 -13.35 7.16
N CYS B 677 34.65 -12.18 6.93
CA CYS B 677 33.23 -11.97 7.19
C CYS B 677 32.61 -11.22 6.03
N LEU B 678 31.31 -11.42 5.85
CA LEU B 678 30.53 -10.72 4.84
C LEU B 678 29.25 -10.21 5.50
N PHE B 679 29.18 -8.90 5.70
CA PHE B 679 28.02 -8.27 6.32
C PHE B 679 27.01 -7.93 5.24
N VAL B 680 25.76 -8.33 5.46
CA VAL B 680 24.68 -8.11 4.50
C VAL B 680 23.56 -7.36 5.21
N HIS B 681 23.09 -6.28 4.59
CA HIS B 681 21.93 -5.53 5.06
C HIS B 681 20.86 -5.61 3.99
N THR B 682 19.70 -6.13 4.35
CA THR B 682 18.60 -6.35 3.42
C THR B 682 17.37 -5.60 3.89
N TYR B 683 16.72 -4.89 2.98
CA TYR B 683 15.46 -4.21 3.27
C TYR B 683 14.46 -4.49 2.17
N LEU B 684 13.20 -4.66 2.56
CA LEU B 684 12.14 -4.95 1.62
C LEU B 684 11.54 -3.66 1.07
N GLN B 685 11.23 -3.65 -0.22
CA GLN B 685 10.59 -2.51 -0.86
C GLN B 685 9.40 -2.99 -1.68
N SER B 686 8.38 -2.15 -1.74
CA SER B 686 7.15 -2.51 -2.42
C SER B 686 7.29 -2.33 -3.93
N VAL B 687 6.80 -3.32 -4.67
CA VAL B 687 6.90 -3.28 -6.12
C VAL B 687 5.76 -2.47 -6.72
N ARG B 688 4.52 -2.85 -6.42
CA ARG B 688 3.34 -2.18 -6.95
C ARG B 688 2.80 -1.18 -5.93
N LYS B 689 2.21 -0.11 -6.45
CA LYS B 689 1.60 0.92 -5.61
C LYS B 689 0.14 0.61 -5.31
N GLU B 690 -0.11 -0.61 -4.84
CA GLU B 690 -1.45 -1.04 -4.47
C GLU B 690 -1.34 -1.98 -3.28
N ALA B 691 -2.46 -2.12 -2.57
CA ALA B 691 -2.51 -3.01 -1.41
C ALA B 691 -3.85 -3.75 -1.42
N LEU B 692 -3.88 -4.88 -0.73
CA LEU B 692 -5.06 -5.71 -0.61
C LEU B 692 -5.39 -5.91 0.86
N ARG B 693 -6.67 -5.85 1.19
CA ARG B 693 -7.14 -6.07 2.55
C ARG B 693 -7.77 -7.45 2.66
N VAL B 694 -7.33 -8.22 3.65
CA VAL B 694 -7.79 -9.59 3.86
C VAL B 694 -8.54 -9.64 5.19
N PHE B 695 -9.77 -10.13 5.16
CA PHE B 695 -10.62 -10.19 6.33
C PHE B 695 -11.38 -11.50 6.34
N ASN B 696 -12.12 -11.75 7.42
CA ASN B 696 -12.95 -12.93 7.55
C ASN B 696 -14.30 -12.53 8.10
N CYS B 697 -15.32 -13.33 7.76
CA CYS B 697 -16.68 -13.11 8.24
C CYS B 697 -16.95 -14.09 9.39
N ILE B 698 -17.03 -13.57 10.61
CA ILE B 698 -17.31 -14.42 11.77
C ILE B 698 -18.74 -14.95 11.69
N ASP B 699 -19.67 -14.13 11.21
CA ASP B 699 -21.06 -14.56 11.06
C ASP B 699 -21.74 -13.65 10.04
N TRP B 700 -22.86 -14.14 9.52
CA TRP B 700 -23.67 -13.40 8.56
C TRP B 700 -24.98 -12.98 9.21
N VAL B 701 -25.43 -11.77 8.88
CA VAL B 701 -26.60 -11.18 9.51
C VAL B 701 -27.61 -10.84 8.43
N HIS B 702 -28.88 -11.15 8.71
CA HIS B 702 -29.95 -10.75 7.81
C HIS B 702 -30.11 -9.24 7.82
N LYS B 703 -30.36 -8.66 6.65
CA LYS B 703 -30.38 -7.20 6.51
C LYS B 703 -31.42 -6.83 5.48
N LEU B 704 -32.35 -5.96 5.86
CA LEU B 704 -33.51 -5.62 5.04
C LEU B 704 -33.39 -4.18 4.54
N THR B 705 -33.56 -3.98 3.25
CA THR B 705 -33.58 -2.67 2.65
C THR B 705 -35.02 -2.29 2.31
N LEU B 706 -35.46 -1.14 2.81
CA LEU B 706 -36.83 -0.69 2.65
C LEU B 706 -36.89 0.65 1.93
N GLU B 707 -37.88 0.79 1.07
CA GLU B 707 -38.17 2.05 0.38
C GLU B 707 -39.39 2.68 1.04
N ILE B 708 -39.19 3.79 1.72
CA ILE B 708 -40.24 4.44 2.49
C ILE B 708 -40.88 5.51 1.62
N THR B 709 -42.11 5.25 1.17
CA THR B 709 -42.88 6.22 0.37
C THR B 709 -43.63 7.12 1.35
N ASP B 710 -42.93 8.15 1.82
CA ASP B 710 -43.49 9.04 2.82
C ASP B 710 -44.63 9.86 2.25
N PHE B 711 -45.42 10.45 3.14
CA PHE B 711 -46.54 11.30 2.74
C PHE B 711 -46.02 12.49 1.94
N ASP B 712 -46.54 12.65 0.71
CA ASP B 712 -46.15 13.74 -0.18
C ASP B 712 -44.64 13.74 -0.42
N GLY B 713 -44.16 12.65 -1.02
CA GLY B 713 -42.76 12.51 -1.34
C GLY B 713 -42.19 11.16 -0.95
N SER B 714 -41.59 10.46 -1.91
CA SER B 714 -41.08 9.11 -1.71
C SER B 714 -39.55 9.08 -1.64
N VAL B 715 -38.92 10.18 -1.27
CA VAL B 715 -37.45 10.25 -1.20
C VAL B 715 -37.07 9.80 0.21
N SER B 716 -37.02 8.47 0.38
CA SER B 716 -36.60 7.89 1.65
C SER B 716 -36.27 6.41 1.40
N THR B 717 -35.01 6.03 1.60
CA THR B 717 -34.57 4.65 1.53
C THR B 717 -33.75 4.34 2.77
N ILE B 718 -34.12 3.27 3.48
CA ILE B 718 -33.52 2.94 4.76
C ILE B 718 -33.13 1.47 4.76
N ASP B 719 -31.97 1.18 5.36
CA ASP B 719 -31.46 -0.18 5.48
C ASP B 719 -31.21 -0.47 6.95
N LEU B 720 -31.73 -1.59 7.43
CA LEU B 720 -31.62 -1.93 8.84
C LEU B 720 -31.63 -3.45 9.01
N GLY B 721 -31.11 -3.90 10.14
CA GLY B 721 -30.94 -5.30 10.44
C GLY B 721 -32.02 -5.84 11.35
N ALA B 722 -31.68 -6.88 12.10
CA ALA B 722 -32.62 -7.58 12.96
C ALA B 722 -32.69 -6.92 14.34
N SER B 723 -33.91 -6.69 14.82
CA SER B 723 -34.15 -6.10 16.14
C SER B 723 -33.42 -4.77 16.29
N SER B 724 -33.44 -3.98 15.22
CA SER B 724 -32.80 -2.68 15.19
C SER B 724 -33.81 -1.61 14.78
N SER B 725 -33.56 -0.38 15.22
CA SER B 725 -34.43 0.74 14.92
C SER B 725 -33.63 1.83 14.23
N ARG B 726 -34.29 2.54 13.31
CA ARG B 726 -33.68 3.63 12.56
C ARG B 726 -34.51 4.88 12.78
N PHE B 727 -33.87 5.94 13.29
CA PHE B 727 -34.56 7.19 13.61
C PHE B 727 -34.78 7.97 12.31
N THR B 728 -35.84 7.61 11.61
CA THR B 728 -36.21 8.30 10.38
C THR B 728 -36.97 9.58 10.75
N ASN B 729 -37.57 10.22 9.75
CA ASN B 729 -38.48 11.32 10.03
C ASN B 729 -39.73 10.78 10.72
N TRP B 730 -40.56 11.71 11.21
CA TRP B 730 -41.84 11.40 11.87
C TRP B 730 -41.71 10.28 12.91
N GLY B 731 -40.55 10.18 13.55
CA GLY B 731 -40.36 9.17 14.57
C GLY B 731 -39.26 8.19 14.26
N SER B 732 -39.59 6.90 14.21
CA SER B 732 -38.58 5.87 13.99
C SER B 732 -39.26 4.63 13.41
N VAL B 733 -38.44 3.76 12.83
CA VAL B 733 -38.89 2.49 12.26
C VAL B 733 -38.02 1.38 12.83
N SER B 734 -38.67 0.33 13.31
CA SER B 734 -37.97 -0.81 13.90
C SER B 734 -38.42 -2.09 13.23
N LEU B 735 -37.50 -3.03 13.06
CA LEU B 735 -37.76 -4.29 12.40
C LEU B 735 -37.57 -5.44 13.38
N SER B 736 -38.54 -6.35 13.42
CA SER B 736 -38.44 -7.49 14.32
C SER B 736 -37.52 -8.57 13.76
N LEU B 737 -37.90 -9.13 12.61
CA LEU B 737 -37.12 -10.18 11.94
C LEU B 737 -36.78 -11.30 12.92
N ASP B 738 -37.83 -11.79 13.59
CA ASP B 738 -37.67 -12.74 14.69
C ASP B 738 -37.28 -14.14 14.24
N ALA B 739 -37.35 -14.45 12.95
CA ALA B 739 -37.09 -15.79 12.48
C ALA B 739 -35.64 -16.21 12.73
N GLU B 740 -34.69 -15.55 12.07
CA GLU B 740 -33.27 -15.88 12.21
C GLU B 740 -32.46 -14.59 12.14
N GLY B 741 -31.70 -14.30 13.19
CA GLY B 741 -30.78 -13.20 13.20
C GLY B 741 -29.37 -13.53 12.76
N ILE B 742 -29.12 -14.76 12.32
CA ILE B 742 -27.78 -15.21 11.96
C ILE B 742 -27.92 -16.39 11.02
N SER B 743 -26.87 -16.67 10.25
CA SER B 743 -26.87 -17.79 9.32
C SER B 743 -25.54 -18.53 9.38
N GLY B 744 -25.03 -18.78 10.58
CA GLY B 744 -23.82 -19.56 10.75
C GLY B 744 -22.55 -18.79 10.42
N SER B 745 -21.49 -19.55 10.14
CA SER B 745 -20.16 -19.00 9.89
C SER B 745 -19.53 -19.77 8.74
N ASN B 746 -18.23 -19.57 8.56
CA ASN B 746 -17.48 -20.25 7.51
C ASN B 746 -16.02 -20.32 7.93
N SER B 747 -15.20 -20.88 7.04
CA SER B 747 -13.76 -21.05 7.28
C SER B 747 -12.97 -20.60 6.06
N PHE B 748 -13.34 -19.47 5.49
CA PHE B 748 -12.65 -18.88 4.34
C PHE B 748 -12.17 -17.48 4.70
N SER B 749 -11.45 -16.87 3.76
CA SER B 749 -11.01 -15.49 3.90
C SER B 749 -11.32 -14.74 2.60
N PHE B 750 -11.59 -13.44 2.74
CA PHE B 750 -11.99 -12.62 1.61
C PHE B 750 -10.98 -11.49 1.40
N ILE B 751 -10.68 -11.22 0.13
CA ILE B 751 -9.76 -10.16 -0.25
C ILE B 751 -10.56 -9.00 -0.80
N GLU B 752 -10.18 -7.78 -0.43
CA GLU B 752 -10.83 -6.57 -0.94
C GLU B 752 -9.76 -5.65 -1.51
N SER B 753 -9.79 -5.46 -2.82
CA SER B 753 -8.94 -4.46 -3.45
C SER B 753 -9.70 -3.14 -3.51
N PRO B 754 -9.22 -2.08 -2.86
CA PRO B 754 -9.98 -0.83 -2.80
C PRO B 754 -10.25 -0.26 -4.19
N GLY B 755 -11.52 -0.12 -4.53
CA GLY B 755 -11.91 0.42 -5.82
C GLY B 755 -11.80 -0.54 -6.97
N LYS B 756 -11.68 -1.84 -6.71
CA LYS B 756 -11.55 -2.83 -7.78
C LYS B 756 -12.47 -4.03 -7.64
N GLY B 757 -12.95 -4.36 -6.44
CA GLY B 757 -13.82 -5.48 -6.23
C GLY B 757 -13.38 -6.31 -5.05
N TYR B 758 -13.93 -7.52 -4.95
CA TYR B 758 -13.63 -8.44 -3.87
C TYR B 758 -13.19 -9.78 -4.45
N ALA B 759 -12.85 -10.70 -3.55
CA ALA B 759 -12.41 -12.04 -3.94
C ALA B 759 -12.50 -12.95 -2.73
N ILE B 760 -12.33 -14.24 -2.98
CA ILE B 760 -12.38 -15.25 -1.93
C ILE B 760 -11.20 -16.20 -2.11
N VAL B 761 -10.52 -16.51 -1.01
CA VAL B 761 -9.43 -17.47 -1.01
C VAL B 761 -9.88 -18.69 -0.21
N ASP B 762 -9.43 -19.87 -0.63
CA ASP B 762 -9.84 -21.12 -0.01
C ASP B 762 -8.88 -21.56 1.08
N GLU B 763 -8.61 -20.64 2.01
CA GLU B 763 -7.77 -20.93 3.16
C GLU B 763 -8.43 -20.33 4.40
N PRO B 764 -8.20 -20.92 5.57
CA PRO B 764 -8.68 -20.29 6.81
C PRO B 764 -7.91 -19.01 7.11
N PHE B 765 -8.58 -18.10 7.82
CA PHE B 765 -7.97 -16.84 8.21
C PHE B 765 -7.03 -17.10 9.39
N SER B 766 -5.74 -16.90 9.17
CA SER B 766 -4.73 -17.11 10.20
C SER B 766 -4.21 -15.77 10.67
N GLU B 767 -4.18 -15.57 12.00
CA GLU B 767 -3.69 -14.33 12.58
C GLU B 767 -2.18 -14.33 12.80
N ILE B 768 -1.51 -15.43 12.49
CA ILE B 768 -0.06 -15.54 12.61
C ILE B 768 0.51 -15.76 11.22
N PRO B 769 1.48 -14.96 10.78
CA PRO B 769 2.03 -15.15 9.43
C PRO B 769 2.66 -16.52 9.26
N ARG B 770 2.51 -17.06 8.06
CA ARG B 770 3.03 -18.39 7.73
C ARG B 770 3.72 -18.35 6.38
N GLN B 771 4.90 -18.96 6.31
CA GLN B 771 5.63 -19.02 5.06
C GLN B 771 4.91 -19.87 4.03
N GLY B 772 4.86 -19.38 2.79
CA GLY B 772 4.25 -20.12 1.71
C GLY B 772 2.74 -19.97 1.59
N PHE B 773 2.12 -19.14 2.42
CA PHE B 773 0.69 -18.89 2.37
C PHE B 773 0.44 -17.41 2.07
N LEU B 774 -0.84 -17.05 2.02
CA LEU B 774 -1.19 -15.64 1.88
C LEU B 774 -0.96 -14.91 3.19
N GLY B 775 -0.60 -13.63 3.08
CA GLY B 775 -0.31 -12.83 4.25
C GLY B 775 0.93 -13.27 5.00
N GLU B 776 1.97 -13.70 4.27
CA GLU B 776 3.25 -13.95 4.92
C GLU B 776 3.83 -12.66 5.49
N ILE B 777 3.69 -11.56 4.76
CA ILE B 777 4.03 -10.23 5.24
C ILE B 777 2.73 -9.45 5.34
N ARG B 778 2.35 -9.08 6.56
CA ARG B 778 1.09 -8.41 6.80
C ARG B 778 1.32 -7.13 7.58
N CYS B 779 0.48 -6.13 7.30
CA CYS B 779 0.56 -4.84 7.98
C CYS B 779 -0.79 -4.46 8.56
N ASN B 780 -0.91 -3.22 9.04
CA ASN B 780 -2.16 -2.74 9.63
C ASN B 780 -2.80 -1.61 8.83
N SER B 781 -2.18 -1.14 7.77
CA SER B 781 -2.74 -0.06 6.98
C SER B 781 -2.15 -0.10 5.59
N GLU B 782 -2.83 0.58 4.66
CA GLU B 782 -2.36 0.61 3.27
C GLU B 782 -1.05 1.38 3.16
N SER B 783 -0.87 2.42 3.96
CA SER B 783 0.36 3.19 3.92
C SER B 783 1.56 2.34 4.36
N SER B 784 1.37 1.51 5.38
CA SER B 784 2.45 0.63 5.82
C SER B 784 2.84 -0.35 4.74
N VAL B 785 1.86 -0.87 3.99
CA VAL B 785 2.16 -1.79 2.90
C VAL B 785 2.90 -1.06 1.80
N LEU B 786 2.42 0.12 1.40
CA LEU B 786 3.02 0.84 0.30
C LEU B 786 4.38 1.42 0.62
N SER B 787 4.78 1.42 1.89
CA SER B 787 6.08 1.95 2.29
C SER B 787 6.96 0.93 2.99
N ALA B 788 6.50 -0.32 3.12
CA ALA B 788 7.26 -1.39 3.76
C ALA B 788 7.72 -0.99 5.16
N HIS B 789 6.79 -0.43 5.92
CA HIS B 789 7.10 0.05 7.25
C HIS B 789 7.52 -1.10 8.16
N GLU B 790 8.40 -0.80 9.12
CA GLU B 790 8.96 -1.83 9.99
C GLU B 790 7.91 -2.43 10.92
N SER B 791 6.78 -1.78 11.12
CA SER B 791 5.74 -2.32 11.99
C SER B 791 5.04 -3.52 11.38
N CYS B 792 5.22 -3.78 10.09
CA CYS B 792 4.62 -4.94 9.46
C CYS B 792 5.23 -6.22 10.00
N LEU B 793 4.39 -7.22 10.23
CA LEU B 793 4.84 -8.52 10.69
C LEU B 793 5.13 -9.44 9.51
N ARG B 794 6.06 -10.37 9.73
CA ARG B 794 6.41 -11.34 8.69
C ARG B 794 6.94 -12.60 9.35
N ALA B 795 6.88 -13.69 8.60
CA ALA B 795 7.33 -14.98 9.08
C ALA B 795 8.86 -15.05 9.09
N PRO B 796 9.43 -15.95 9.89
CA PRO B 796 10.88 -16.13 9.87
C PRO B 796 11.37 -16.72 8.55
N ASN B 797 12.60 -16.36 8.18
CA ASN B 797 13.34 -16.98 7.09
C ASN B 797 12.60 -16.88 5.76
N LEU B 798 12.36 -15.63 5.34
CA LEU B 798 11.75 -15.38 4.03
C LEU B 798 12.78 -15.14 2.94
N ILE B 799 13.93 -14.56 3.26
CA ILE B 799 14.92 -14.19 2.26
C ILE B 799 15.91 -15.34 2.10
N SER B 800 16.19 -15.68 0.84
CA SER B 800 17.15 -16.73 0.51
C SER B 800 18.46 -16.07 0.11
N TYR B 801 19.53 -16.41 0.82
CA TYR B 801 20.84 -15.81 0.61
C TYR B 801 21.74 -16.80 -0.10
N LYS B 802 22.41 -16.32 -1.16
CA LYS B 802 23.36 -17.12 -1.93
C LYS B 802 24.70 -16.41 -1.90
N PRO B 803 25.50 -16.61 -0.84
CA PRO B 803 26.80 -15.92 -0.71
C PRO B 803 27.90 -16.54 -1.56
N MET B 804 27.61 -16.74 -2.85
CA MET B 804 28.62 -17.26 -3.75
C MET B 804 29.68 -16.18 -4.00
N ILE B 805 30.93 -16.62 -4.12
CA ILE B 805 32.07 -15.75 -3.84
C ILE B 805 32.17 -14.54 -4.75
N ASP B 806 31.55 -14.57 -5.93
CA ASP B 806 31.69 -13.41 -6.82
C ASP B 806 30.71 -12.30 -6.44
N GLN B 807 29.41 -12.57 -6.58
CA GLN B 807 28.36 -11.62 -6.19
C GLN B 807 27.41 -12.30 -5.23
N LEU B 808 26.86 -11.53 -4.30
CA LEU B 808 25.79 -12.02 -3.44
C LEU B 808 24.46 -11.96 -4.18
N GLU B 809 23.61 -12.96 -3.94
CA GLU B 809 22.28 -13.03 -4.53
C GLU B 809 21.25 -13.02 -3.42
N CYS B 810 20.50 -11.92 -3.32
CA CYS B 810 19.41 -11.78 -2.36
C CYS B 810 18.10 -11.89 -3.12
N THR B 811 17.33 -12.95 -2.83
CA THR B 811 16.07 -13.18 -3.51
C THR B 811 15.17 -14.02 -2.61
N THR B 812 13.88 -14.02 -2.95
CA THR B 812 12.89 -14.76 -2.18
C THR B 812 11.75 -15.17 -3.10
N ASN B 813 11.02 -16.18 -2.67
CA ASN B 813 9.82 -16.66 -3.37
C ASN B 813 8.61 -16.28 -2.54
N LEU B 814 7.80 -15.37 -3.06
CA LEU B 814 6.65 -14.85 -2.34
C LEU B 814 5.40 -15.00 -3.19
N ILE B 815 4.29 -15.35 -2.54
CA ILE B 815 3.02 -15.44 -3.23
C ILE B 815 2.56 -14.04 -3.62
N ASP B 816 2.29 -13.85 -4.90
CA ASP B 816 1.75 -12.58 -5.37
C ASP B 816 0.30 -12.48 -4.94
N PRO B 817 -0.05 -11.60 -3.99
CA PRO B 817 -1.44 -11.53 -3.55
C PRO B 817 -2.38 -11.07 -4.65
N PHE B 818 -1.87 -10.34 -5.64
CA PHE B 818 -2.73 -9.88 -6.75
C PHE B 818 -3.16 -11.04 -7.63
N VAL B 819 -2.27 -12.02 -7.82
CA VAL B 819 -2.63 -13.22 -8.60
C VAL B 819 -3.74 -13.98 -7.89
N VAL B 820 -3.61 -14.17 -6.58
CA VAL B 820 -4.64 -14.87 -5.82
C VAL B 820 -5.94 -14.08 -5.81
N PHE B 821 -5.85 -12.75 -5.76
CA PHE B 821 -7.04 -11.92 -5.83
C PHE B 821 -7.75 -12.08 -7.16
N GLU B 822 -7.00 -12.11 -8.26
CA GLU B 822 -7.61 -12.28 -9.57
C GLU B 822 -8.14 -13.69 -9.77
N ARG B 823 -7.56 -14.68 -9.07
CA ARG B 823 -7.98 -16.06 -9.24
C ARG B 823 -9.40 -16.27 -8.71
N GLY B 824 -9.69 -15.78 -7.51
CA GLY B 824 -10.97 -16.04 -6.88
C GLY B 824 -11.89 -14.84 -6.83
N SER B 825 -11.96 -14.09 -7.94
CA SER B 825 -12.87 -12.95 -8.00
C SER B 825 -14.18 -13.28 -7.33
N LEU B 826 -14.85 -12.27 -6.80
CA LEU B 826 -16.05 -12.55 -6.00
C LEU B 826 -17.10 -13.48 -6.57
N PRO B 827 -17.76 -13.09 -7.66
CA PRO B 827 -18.85 -13.98 -8.11
C PRO B 827 -18.43 -15.44 -8.04
N GLN B 828 -18.73 -16.10 -6.94
CA GLN B 828 -18.20 -17.44 -6.66
C GLN B 828 -19.15 -18.27 -5.84
N THR B 829 -19.17 -19.57 -6.07
CA THR B 829 -20.07 -20.49 -5.37
C THR B 829 -19.23 -21.58 -4.71
N ARG B 830 -19.38 -21.73 -3.40
CA ARG B 830 -18.72 -22.78 -2.64
C ARG B 830 -19.77 -23.47 -1.78
N ASN B 831 -19.87 -24.79 -1.93
CA ASN B 831 -20.84 -25.64 -1.22
C ASN B 831 -22.20 -24.95 -1.08
N ASP B 832 -22.68 -24.42 -2.22
CA ASP B 832 -24.01 -23.80 -2.32
C ASP B 832 -24.13 -22.60 -1.38
N LYS B 833 -23.26 -21.63 -1.58
CA LYS B 833 -23.34 -20.37 -0.83
C LYS B 833 -23.32 -19.15 -1.74
N THR B 834 -22.55 -19.18 -2.83
CA THR B 834 -22.55 -18.14 -3.85
C THR B 834 -22.34 -16.75 -3.26
N PHE B 835 -21.15 -16.54 -2.69
CA PHE B 835 -20.78 -15.22 -2.22
C PHE B 835 -20.61 -14.27 -3.40
N ALA B 836 -21.03 -13.02 -3.21
CA ALA B 836 -20.96 -12.03 -4.27
C ALA B 836 -20.91 -10.64 -3.65
N ALA B 837 -20.53 -9.67 -4.46
CA ALA B 837 -20.44 -8.29 -3.98
C ALA B 837 -21.82 -7.72 -3.72
N SER B 838 -21.98 -7.07 -2.57
CA SER B 838 -23.25 -6.44 -2.23
C SER B 838 -23.47 -5.20 -3.08
N LYS B 839 -24.73 -4.82 -3.23
CA LYS B 839 -25.08 -3.64 -4.00
C LYS B 839 -24.42 -2.41 -3.41
N GLY B 840 -23.80 -1.60 -4.27
CA GLY B 840 -22.97 -0.50 -3.83
C GLY B 840 -21.52 -0.84 -3.62
N ASN B 841 -21.14 -2.12 -3.74
CA ASN B 841 -19.76 -2.57 -3.60
C ASN B 841 -19.18 -2.16 -2.25
N ARG B 842 -19.90 -2.48 -1.17
CA ARG B 842 -19.43 -2.09 0.18
C ARG B 842 -19.23 -3.33 1.05
N GLY B 843 -19.37 -4.53 0.48
CA GLY B 843 -19.25 -5.74 1.27
C GLY B 843 -19.54 -6.96 0.42
N VAL B 844 -19.76 -8.08 1.11
CA VAL B 844 -20.04 -9.36 0.45
C VAL B 844 -21.35 -9.91 1.02
N GLN B 845 -21.99 -10.74 0.21
CA GLN B 845 -23.26 -11.38 0.57
C GLN B 845 -23.06 -12.89 0.73
N ALA B 846 -24.18 -13.58 0.94
CA ALA B 846 -24.17 -15.04 1.05
C ALA B 846 -25.56 -15.52 0.64
N PHE B 847 -25.67 -15.99 -0.61
CA PHE B 847 -26.94 -16.48 -1.14
C PHE B 847 -27.14 -17.91 -0.70
N SER B 848 -27.94 -18.12 0.35
CA SER B 848 -28.22 -19.44 0.87
C SER B 848 -29.72 -19.64 0.98
N LYS B 849 -30.14 -20.90 0.82
CA LYS B 849 -31.55 -21.23 0.90
C LYS B 849 -32.10 -20.94 2.30
N GLY B 850 -33.24 -20.29 2.36
CA GLY B 850 -33.85 -19.96 3.63
C GLY B 850 -34.89 -18.87 3.47
N SER B 851 -35.50 -18.53 4.60
CA SER B 851 -36.52 -17.48 4.63
C SER B 851 -36.59 -16.94 6.05
N VAL B 852 -37.17 -15.74 6.17
CA VAL B 852 -37.32 -15.08 7.46
C VAL B 852 -38.72 -14.48 7.56
N GLN B 853 -39.10 -14.15 8.79
CA GLN B 853 -40.36 -13.48 9.08
C GLN B 853 -40.06 -12.10 9.64
N ALA B 854 -40.59 -11.07 9.01
CA ALA B 854 -40.29 -9.68 9.35
C ALA B 854 -41.58 -8.94 9.67
N ASP B 855 -41.59 -8.23 10.80
CA ASP B 855 -42.74 -7.44 11.24
C ASP B 855 -42.24 -6.07 11.68
N LEU B 856 -42.14 -5.13 10.76
CA LEU B 856 -41.67 -3.81 11.12
C LEU B 856 -42.78 -3.00 11.79
N THR B 857 -42.37 -2.13 12.71
CA THR B 857 -43.29 -1.36 13.55
C THR B 857 -43.02 0.12 13.36
N LEU B 858 -44.04 0.85 12.90
CA LEU B 858 -43.97 2.31 12.89
C LEU B 858 -44.25 2.85 14.29
N MET B 859 -43.85 4.10 14.52
CA MET B 859 -44.08 4.71 15.82
C MET B 859 -44.07 6.22 15.67
N PHE B 860 -45.06 6.88 16.27
CA PHE B 860 -45.21 8.34 16.24
C PHE B 860 -45.23 8.90 14.83
N ASP B 861 -45.73 8.13 13.87
CA ASP B 861 -45.74 8.58 12.48
C ASP B 861 -46.62 9.80 12.31
N ASN B 862 -46.02 10.91 11.90
CA ASN B 862 -46.76 12.16 11.69
C ASN B 862 -46.04 12.97 10.63
N PHE B 863 -46.59 12.97 9.41
CA PHE B 863 -46.07 13.79 8.31
C PHE B 863 -47.28 14.26 7.50
N GLU B 864 -47.81 15.43 7.84
CA GLU B 864 -49.01 15.92 7.21
C GLU B 864 -48.91 17.43 6.99
N VAL B 865 -49.56 17.90 5.92
CA VAL B 865 -49.61 19.30 5.56
C VAL B 865 -51.06 19.70 5.34
N ASP B 866 -51.27 20.95 4.94
CA ASP B 866 -52.60 21.51 4.78
C ASP B 866 -53.06 21.59 3.33
N PHE B 867 -52.12 21.71 2.38
CA PHE B 867 -52.49 21.89 0.98
C PHE B 867 -53.21 20.68 0.40
N VAL B 868 -53.12 19.52 1.05
CA VAL B 868 -53.76 18.30 0.54
C VAL B 868 -55.25 18.27 0.80
N GLY B 869 -55.81 19.29 1.47
CA GLY B 869 -57.22 19.31 1.76
C GLY B 869 -58.12 19.43 0.55
N ALA B 870 -57.58 19.79 -0.61
CA ALA B 870 -58.36 19.90 -1.83
C ALA B 870 -58.46 18.56 -2.53
N ALA B 871 -59.60 18.33 -3.18
CA ALA B 871 -59.84 17.10 -3.92
C ALA B 871 -59.22 17.18 -5.32
N VAL B 872 -59.13 16.01 -5.96
CA VAL B 872 -58.57 15.92 -7.31
C VAL B 872 -59.33 14.85 -8.07
N SER B 873 -59.35 14.99 -9.40
CA SER B 873 -59.99 14.04 -10.29
C SER B 873 -58.95 13.08 -10.87
N CYS B 874 -59.44 11.93 -11.31
CA CYS B 874 -58.57 10.86 -11.79
C CYS B 874 -59.36 9.85 -12.60
N ASP B 875 -58.66 9.15 -13.48
CA ASP B 875 -59.25 8.09 -14.28
C ASP B 875 -58.24 6.95 -14.37
N ALA B 876 -58.76 5.73 -14.55
CA ALA B 876 -57.92 4.54 -14.57
C ALA B 876 -58.42 3.59 -15.65
N ALA B 877 -57.51 2.74 -16.12
CA ALA B 877 -57.83 1.74 -17.12
C ALA B 877 -56.97 0.50 -16.89
N PHE B 878 -57.64 -0.66 -16.78
CA PHE B 878 -56.93 -1.91 -16.54
C PHE B 878 -56.04 -2.27 -17.73
N LEU B 879 -54.87 -2.82 -17.44
CA LEU B 879 -53.87 -3.12 -18.47
C LEU B 879 -53.70 -4.62 -18.69
N ASN B 880 -53.31 -5.36 -17.65
CA ASN B 880 -53.13 -6.80 -17.77
C ASN B 880 -52.88 -7.38 -16.37
N LEU B 881 -52.73 -8.70 -16.32
CA LEU B 881 -52.44 -9.41 -15.09
C LEU B 881 -51.45 -10.53 -15.39
N THR B 882 -50.28 -10.48 -14.77
CA THR B 882 -49.25 -11.48 -14.98
C THR B 882 -48.65 -11.88 -13.63
N GLY B 883 -48.13 -13.10 -13.58
CA GLY B 883 -47.53 -13.60 -12.36
C GLY B 883 -47.97 -15.00 -12.00
N CYS B 884 -48.01 -15.31 -10.71
CA CYS B 884 -48.39 -16.63 -10.23
C CYS B 884 -49.33 -16.47 -9.04
N TYR B 885 -49.70 -17.60 -8.45
CA TYR B 885 -50.57 -17.65 -7.29
C TYR B 885 -49.91 -18.46 -6.18
N SER B 886 -50.19 -18.09 -4.94
CA SER B 886 -49.66 -18.78 -3.76
C SER B 886 -48.14 -18.89 -3.82
N CYS B 887 -47.51 -17.85 -4.35
CA CYS B 887 -46.08 -17.84 -4.60
C CYS B 887 -45.44 -16.64 -3.92
N ASN B 888 -44.16 -16.80 -3.57
CA ASN B 888 -43.42 -15.70 -2.94
C ASN B 888 -43.29 -14.51 -3.88
N ALA B 889 -43.05 -14.77 -5.17
CA ALA B 889 -42.91 -13.70 -6.14
C ALA B 889 -44.21 -12.92 -6.30
N GLY B 890 -45.34 -13.61 -6.31
CA GLY B 890 -46.62 -12.97 -6.46
C GLY B 890 -46.99 -12.71 -7.91
N ALA B 891 -48.10 -12.00 -8.08
CA ALA B 891 -48.64 -11.68 -9.39
C ALA B 891 -48.49 -10.18 -9.64
N ARG B 892 -47.86 -9.83 -10.76
CA ARG B 892 -47.65 -8.44 -11.12
C ARG B 892 -48.95 -7.84 -11.65
N VAL B 893 -49.33 -6.68 -11.12
CA VAL B 893 -50.54 -5.98 -11.52
C VAL B 893 -50.14 -4.60 -12.02
N CYS B 894 -50.52 -4.29 -13.25
CA CYS B 894 -50.23 -3.00 -13.86
C CYS B 894 -51.51 -2.31 -14.29
N LEU B 895 -51.56 -1.00 -14.06
CA LEU B 895 -52.76 -0.22 -14.33
C LEU B 895 -52.37 1.04 -15.10
N SER B 896 -53.21 1.44 -16.05
CA SER B 896 -53.00 2.65 -16.83
C SER B 896 -53.72 3.80 -16.14
N ILE B 897 -52.97 4.80 -15.70
CA ILE B 897 -53.49 5.90 -14.91
C ILE B 897 -53.54 7.15 -15.77
N THR B 898 -54.73 7.75 -15.89
CA THR B 898 -54.92 9.00 -16.62
C THR B 898 -55.54 10.00 -15.65
N SER B 899 -54.72 10.90 -15.11
CA SER B 899 -55.16 11.87 -14.13
C SER B 899 -54.77 13.27 -14.58
N THR B 900 -55.48 14.26 -14.03
CA THR B 900 -55.21 15.66 -14.34
C THR B 900 -54.12 16.27 -13.46
N GLY B 901 -53.65 15.54 -12.45
CA GLY B 901 -52.63 16.08 -11.58
C GLY B 901 -52.16 15.03 -10.59
N THR B 902 -51.48 15.50 -9.56
CA THR B 902 -50.95 14.61 -8.53
C THR B 902 -52.08 13.95 -7.74
N GLY B 903 -51.92 12.67 -7.46
CA GLY B 903 -52.93 11.95 -6.70
C GLY B 903 -52.51 10.51 -6.51
N SER B 904 -53.37 9.77 -5.82
CA SER B 904 -53.14 8.36 -5.52
C SER B 904 -54.38 7.56 -5.92
N LEU B 905 -54.29 6.24 -5.78
CA LEU B 905 -55.37 5.33 -6.13
C LEU B 905 -55.63 4.39 -4.96
N SER B 906 -56.91 4.10 -4.72
CA SER B 906 -57.34 3.33 -3.56
C SER B 906 -58.34 2.26 -3.97
N ALA B 907 -58.02 1.49 -5.01
CA ALA B 907 -58.91 0.42 -5.44
C ALA B 907 -59.05 -0.64 -4.37
N HIS B 908 -60.29 -1.03 -4.07
CA HIS B 908 -60.58 -2.01 -3.04
C HIS B 908 -61.61 -2.99 -3.60
N ASN B 909 -61.41 -4.28 -3.33
CA ASN B 909 -62.35 -5.29 -3.80
C ASN B 909 -63.61 -5.25 -2.93
N LYS B 910 -64.58 -6.09 -3.29
CA LYS B 910 -65.86 -6.09 -2.57
C LYS B 910 -65.67 -6.53 -1.13
N ASP B 911 -64.84 -7.53 -0.88
CA ASP B 911 -64.60 -8.04 0.46
C ASP B 911 -63.50 -7.29 1.20
N GLY B 912 -62.78 -6.39 0.53
CA GLY B 912 -61.71 -5.65 1.17
C GLY B 912 -60.44 -6.44 1.41
N SER B 913 -60.35 -7.66 0.88
CA SER B 913 -59.18 -8.49 1.14
C SER B 913 -57.94 -7.97 0.39
N LEU B 914 -58.12 -7.53 -0.86
CA LEU B 914 -57.02 -7.10 -1.71
C LEU B 914 -57.09 -5.59 -1.92
N HIS B 915 -55.95 -4.92 -1.79
CA HIS B 915 -55.86 -3.48 -1.91
C HIS B 915 -54.86 -3.12 -3.00
N ILE B 916 -55.22 -2.16 -3.85
CA ILE B 916 -54.37 -1.71 -4.93
C ILE B 916 -54.15 -0.22 -4.79
N VAL B 917 -52.88 0.19 -4.77
CA VAL B 917 -52.49 1.58 -4.58
C VAL B 917 -51.49 1.95 -5.67
N LEU B 918 -51.75 3.05 -6.37
CA LEU B 918 -50.85 3.53 -7.41
C LEU B 918 -50.92 5.05 -7.47
N PRO B 919 -49.79 5.74 -7.55
CA PRO B 919 -49.83 7.21 -7.68
C PRO B 919 -50.42 7.63 -9.02
N SER B 920 -51.07 8.79 -9.01
CA SER B 920 -51.68 9.36 -10.19
C SER B 920 -51.03 10.70 -10.51
N GLU B 921 -50.67 10.89 -11.78
CA GLU B 921 -49.98 12.09 -12.23
C GLU B 921 -50.70 12.68 -13.44
N ASN B 922 -50.30 13.89 -13.80
CA ASN B 922 -50.89 14.57 -14.96
C ASN B 922 -50.61 13.79 -16.23
N GLY B 923 -51.65 13.58 -17.04
CA GLY B 923 -51.51 12.82 -18.25
C GLY B 923 -51.61 11.32 -18.00
N THR B 924 -51.56 10.56 -19.09
CA THR B 924 -51.63 9.11 -19.01
C THR B 924 -50.32 8.54 -18.49
N LYS B 925 -50.41 7.66 -17.49
CA LYS B 925 -49.24 7.02 -16.92
C LYS B 925 -49.53 5.53 -16.72
N ASP B 926 -48.46 4.74 -16.75
CA ASP B 926 -48.55 3.28 -16.61
C ASP B 926 -47.74 2.87 -15.38
N GLN B 927 -48.43 2.66 -14.26
CA GLN B 927 -47.80 2.19 -13.03
C GLN B 927 -48.17 0.73 -12.79
N CYS B 928 -47.40 0.08 -11.93
CA CYS B 928 -47.55 -1.34 -11.66
C CYS B 928 -47.54 -1.60 -10.17
N GLN B 929 -48.20 -2.70 -9.77
CA GLN B 929 -48.27 -3.11 -8.37
C GLN B 929 -48.11 -4.62 -8.30
N ILE B 930 -47.88 -5.13 -7.09
CA ILE B 930 -47.67 -6.55 -6.85
C ILE B 930 -48.66 -7.00 -5.77
N LEU B 931 -49.41 -8.07 -6.07
CA LEU B 931 -50.39 -8.61 -5.16
C LEU B 931 -50.18 -10.12 -5.02
N HIS B 932 -50.92 -10.72 -4.09
CA HIS B 932 -50.89 -12.15 -3.85
C HIS B 932 -52.25 -12.75 -4.17
N PHE B 933 -52.24 -13.94 -4.76
CA PHE B 933 -53.46 -14.63 -5.17
C PHE B 933 -53.34 -16.11 -4.86
N THR B 934 -54.49 -16.79 -4.85
CA THR B 934 -54.54 -18.23 -4.63
C THR B 934 -55.46 -18.93 -5.62
N VAL B 935 -55.61 -18.38 -6.82
CA VAL B 935 -56.50 -18.94 -7.83
C VAL B 935 -55.79 -18.99 -9.18
N PRO B 936 -55.97 -20.06 -9.95
CA PRO B 936 -55.35 -20.10 -11.29
C PRO B 936 -55.85 -19.01 -12.22
N GLU B 937 -57.11 -18.61 -12.11
CA GLU B 937 -57.69 -17.55 -12.91
C GLU B 937 -58.25 -16.47 -12.00
N VAL B 938 -58.07 -15.21 -12.40
CA VAL B 938 -58.49 -14.06 -11.60
C VAL B 938 -59.56 -13.29 -12.36
N GLU B 939 -60.70 -13.08 -11.71
CA GLU B 939 -61.79 -12.30 -12.30
C GLU B 939 -62.50 -11.61 -11.13
N GLU B 940 -62.14 -10.35 -10.88
CA GLU B 940 -62.66 -9.60 -9.76
C GLU B 940 -62.91 -8.16 -10.18
N GLU B 941 -63.66 -7.44 -9.34
CA GLU B 941 -63.96 -6.04 -9.53
C GLU B 941 -63.51 -5.27 -8.29
N PHE B 942 -62.96 -4.07 -8.51
CA PHE B 942 -62.40 -3.27 -7.43
C PHE B 942 -63.03 -1.88 -7.45
N MET B 943 -63.37 -1.40 -6.25
CA MET B 943 -63.97 -0.07 -6.09
C MET B 943 -62.85 0.96 -6.07
N TYR B 944 -62.43 1.39 -7.25
CA TYR B 944 -61.33 2.34 -7.36
C TYR B 944 -61.86 3.76 -7.31
N SER B 945 -61.11 4.62 -6.62
CA SER B 945 -61.49 6.03 -6.46
C SER B 945 -60.26 6.82 -6.11
N CYS B 946 -59.85 7.73 -7.00
CA CYS B 946 -58.71 8.61 -6.74
C CYS B 946 -59.22 9.89 -6.08
N ASP B 947 -59.46 9.80 -4.78
CA ASP B 947 -59.91 10.91 -3.94
C ASP B 947 -61.25 11.50 -4.40
N GLY B 948 -61.99 10.78 -5.25
CA GLY B 948 -63.27 11.27 -5.73
C GLY B 948 -64.37 10.23 -5.59
N ASP B 949 -65.09 9.97 -6.68
CA ASP B 949 -66.19 9.02 -6.66
C ASP B 949 -65.69 7.63 -7.04
N GLU B 950 -66.17 6.61 -6.32
CA GLU B 950 -65.81 5.24 -6.62
C GLU B 950 -66.43 4.79 -7.93
N ARG B 951 -65.61 4.17 -8.78
CA ARG B 951 -65.99 3.69 -10.09
C ARG B 951 -65.54 2.24 -10.24
N PRO B 952 -66.26 1.44 -11.04
CA PRO B 952 -65.95 0.00 -11.10
C PRO B 952 -64.77 -0.38 -12.00
N LEU B 953 -63.74 -0.95 -11.38
CA LEU B 953 -62.53 -1.39 -12.08
C LEU B 953 -62.49 -2.90 -12.06
N LEU B 954 -62.42 -3.50 -13.25
CA LEU B 954 -62.53 -4.95 -13.43
C LEU B 954 -61.21 -5.49 -13.95
N VAL B 955 -60.73 -6.57 -13.34
CA VAL B 955 -59.43 -7.15 -13.65
C VAL B 955 -59.64 -8.58 -14.17
N LYS B 956 -58.99 -8.90 -15.28
CA LYS B 956 -59.04 -10.23 -15.87
C LYS B 956 -57.63 -10.80 -15.98
N GLY B 957 -57.56 -12.09 -16.28
CA GLY B 957 -56.31 -12.76 -16.55
C GLY B 957 -56.13 -14.00 -15.68
N THR B 958 -55.26 -14.88 -16.15
CA THR B 958 -54.88 -16.08 -15.42
C THR B 958 -53.46 -15.96 -14.89
N LEU B 959 -53.12 -16.83 -13.95
CA LEU B 959 -51.82 -16.81 -13.30
C LEU B 959 -51.13 -18.15 -13.49
N ILE B 960 -49.82 -18.10 -13.78
CA ILE B 960 -49.05 -19.33 -13.98
C ILE B 960 -48.94 -20.09 -12.66
N ALA B 961 -48.57 -21.35 -12.76
CA ALA B 961 -48.47 -22.25 -11.62
C ALA B 961 -47.01 -22.63 -11.38
N ILE B 962 -46.52 -22.39 -10.17
CA ILE B 962 -45.12 -22.67 -9.88
C ILE B 962 -44.94 -24.13 -9.55
N ASP B 963 -44.71 -24.94 -10.58
CA ASP B 963 -44.59 -26.37 -10.37
C ASP B 963 -43.52 -26.69 -9.35
N PRO B 964 -43.94 -27.16 -8.18
CA PRO B 964 -42.95 -27.57 -7.19
C PRO B 964 -42.57 -29.01 -7.49
N PHE B 965 -43.26 -29.61 -8.46
CA PHE B 965 -43.19 -31.04 -8.65
C PHE B 965 -42.90 -31.58 -7.28
N ASP B 966 -43.75 -31.23 -6.31
CA ASP B 966 -43.47 -31.58 -4.91
C ASP B 966 -44.32 -30.64 -4.03
N ASP B 967 -45.50 -31.12 -3.66
CA ASP B 967 -46.42 -30.37 -2.83
C ASP B 967 -47.07 -31.29 -1.83
N ARG B 968 -47.26 -30.80 -0.59
CA ARG B 968 -47.96 -31.55 0.44
C ARG B 968 -49.32 -30.94 0.76
N ARG B 969 -49.35 -29.67 1.17
CA ARG B 969 -50.62 -28.98 1.36
C ARG B 969 -50.66 -27.55 0.82
N GLU B 970 -49.54 -26.85 0.73
CA GLU B 970 -49.50 -25.45 0.29
C GLU B 970 -48.04 -25.05 0.10
N ALA B 971 -47.83 -23.77 -0.21
CA ALA B 971 -46.50 -23.21 -0.41
C ALA B 971 -46.14 -22.17 0.65
N GLY B 972 -46.95 -21.14 0.80
CA GLY B 972 -46.68 -20.09 1.77
C GLY B 972 -45.85 -18.97 1.19
N GLY B 973 -46.08 -17.76 1.70
CA GLY B 973 -45.36 -16.59 1.23
C GLY B 973 -44.03 -16.36 1.91
N GLU B 974 -44.05 -16.16 3.22
CA GLU B 974 -42.86 -15.93 4.03
C GLU B 974 -42.08 -14.74 3.44
N SER B 975 -40.75 -14.75 3.61
CA SER B 975 -39.89 -13.73 3.01
C SER B 975 -38.58 -14.42 2.66
N THR B 976 -38.49 -14.95 1.44
CA THR B 976 -37.33 -15.79 1.09
C THR B 976 -36.09 -14.96 0.76
N VAL B 977 -34.95 -15.32 1.34
CA VAL B 977 -33.68 -14.66 0.94
C VAL B 977 -33.21 -15.40 -0.30
N VAL B 978 -32.45 -14.75 -1.18
CA VAL B 978 -32.03 -15.38 -2.46
C VAL B 978 -31.29 -16.69 -2.18
N ASN B 979 -31.40 -17.66 -3.10
CA ASN B 979 -30.76 -18.99 -2.88
C ASN B 979 -30.16 -19.50 -4.19
N PRO B 980 -29.16 -20.42 -4.16
CA PRO B 980 -28.52 -20.89 -5.39
C PRO B 980 -29.29 -22.06 -6.00
N LYS B 981 -28.87 -22.43 -7.22
CA LYS B 981 -29.53 -23.51 -7.93
C LYS B 981 -29.26 -24.86 -7.28
N SER B 982 -28.04 -25.07 -6.78
CA SER B 982 -27.65 -26.36 -6.23
C SER B 982 -28.33 -26.69 -4.91
N GLY B 983 -29.08 -25.72 -4.35
CA GLY B 983 -29.86 -26.00 -3.13
C GLY B 983 -31.08 -26.82 -3.48
#